data_7DSB
#
_entry.id   7DSB
#
_cell.length_a   70.280
_cell.length_b   87.480
_cell.length_c   120.920
_cell.angle_alpha   90.000
_cell.angle_beta   90.000
_cell.angle_gamma   90.000
#
_symmetry.space_group_name_H-M   'P 21 21 21'
#
loop_
_entity.id
_entity.type
_entity.pdbx_description
1 polymer 'F-actin-capping protein subunit alpha-1'
2 polymer 'F-actin-capping protein subunit beta isoforms 1'
3 polymer Myotrophin
4 polymer Twinfilin-1
5 water water
#
loop_
_entity_poly.entity_id
_entity_poly.type
_entity_poly.pdbx_seq_one_letter_code
_entity_poly.pdbx_strand_id
1 'polypeptide(L)'
;MADFEDRVSDEEKVRIAAKFITHAPPGEFNEVFNDVRLLLNNDNLLREGAAHAFAQYNMDQFTPVKIEGYDDQVLITEHG
DLGNGRFLDPRNKISFKFDHLRKEASDPQPEDTESALKQWRDACDSALRAYVKDHYPNGFCTVYGKSIDGQQTIIACIES
HQFQPKNFWNGRWRSEWKFTITPPTAQVAAVLKIQVHYYEDGNVQLVSHKDIQDSVQVSSDVQTAKEFIKIIENAENEYQ
TAISENYQTMSDTTFKALRRQLPVTRTKIDWNKILSYKIGKEMQNA
;
A
2 'polypeptide(L)'
;MSDQQLDCALDLMRRLPPQQIEKNLSDLIDLVPSLCEDLLSSVDQPLKIARDKVVGKDYLLCDYNRDGDSYRSPWSNKYD
PPLEDGAMPSARLRKLEVEANNAFDQYRDLYFEGGVSSVYLWDLDHGFAGVILIKKAGDGSKKIKGCWDSIHVVEVQEKS
SGRTAHYKLTSTVMLWLQTNKTGSGTMNLGGSLTRQMEKDETVSDSSPHIANIGRLVEDMENKIRSTLNEIYFGKTKDIV
NGLR
;
B
3 'polypeptide(L)'
;GPLGSMCDKEFMWALKNGDLDEVKDYVAKGEDVNRTLEGGRKPLHYAADCGQLEILEFLLLKGADINAPDKHHITPLLSA
VYEGHVSCVKLLLSKGADKTVKGPDGLTAFEATDNQAIKALLQ
;
C
4 'polypeptide(L)' KQHAHKQSFAKPKGPAGKRGIRRLIRGPAE D
#
# COMPACT_ATOMS: atom_id res chain seq x y z
N SER A 9 27.08 7.85 -16.68
CA SER A 9 26.96 8.09 -15.25
C SER A 9 26.91 9.60 -14.96
N ASP A 10 26.86 10.39 -16.02
CA ASP A 10 26.64 11.83 -15.91
C ASP A 10 25.27 12.24 -16.41
N GLU A 11 24.92 11.88 -17.65
CA GLU A 11 23.55 12.02 -18.09
C GLU A 11 22.61 11.23 -17.18
N GLU A 12 22.97 9.98 -16.89
CA GLU A 12 22.12 9.14 -16.05
C GLU A 12 22.01 9.69 -14.64
N LYS A 13 23.02 10.43 -14.18
CA LYS A 13 22.91 11.05 -12.87
C LYS A 13 21.85 12.14 -12.86
N VAL A 14 21.62 12.79 -14.00
CA VAL A 14 20.56 13.78 -14.10
C VAL A 14 19.23 13.14 -14.51
N ARG A 15 19.26 11.99 -15.21
CA ARG A 15 18.04 11.25 -15.46
C ARG A 15 17.35 10.87 -14.16
N ILE A 16 18.14 10.44 -13.17
CA ILE A 16 17.58 10.08 -11.87
C ILE A 16 16.97 11.30 -11.20
N ALA A 17 17.60 12.47 -11.37
CA ALA A 17 17.08 13.68 -10.75
C ALA A 17 15.73 14.08 -11.34
N ALA A 18 15.58 13.94 -12.67
CA ALA A 18 14.30 14.25 -13.30
C ALA A 18 13.19 13.33 -12.81
N LYS A 19 13.47 12.02 -12.74
CA LYS A 19 12.46 11.07 -12.27
C LYS A 19 12.06 11.38 -10.82
N PHE A 20 13.04 11.66 -9.96
CA PHE A 20 12.72 11.98 -8.58
C PHE A 20 11.80 13.20 -8.48
N ILE A 21 12.05 14.22 -9.31
CA ILE A 21 11.28 15.46 -9.22
C ILE A 21 9.86 15.25 -9.72
N THR A 22 9.70 14.50 -10.81
CA THR A 22 8.37 14.26 -11.36
C THR A 22 7.51 13.40 -10.43
N HIS A 23 8.12 12.65 -9.52
CA HIS A 23 7.38 11.82 -8.57
C HIS A 23 7.15 12.51 -7.24
N ALA A 24 7.28 13.83 -7.19
CA ALA A 24 7.03 14.54 -5.94
C ALA A 24 5.54 14.51 -5.63
N PRO A 25 5.15 14.20 -4.39
CA PRO A 25 3.73 14.25 -4.01
C PRO A 25 3.19 15.66 -4.18
N PRO A 26 1.86 15.81 -4.24
CA PRO A 26 1.29 17.15 -4.39
C PRO A 26 1.52 17.99 -3.14
N GLY A 27 1.89 19.25 -3.37
CA GLY A 27 2.19 20.15 -2.26
C GLY A 27 3.53 19.90 -1.61
N GLU A 28 4.41 19.13 -2.24
CA GLU A 28 5.73 18.81 -1.68
C GLU A 28 6.84 18.98 -2.70
N PHE A 29 6.58 19.73 -3.77
CA PHE A 29 7.58 19.91 -4.83
C PHE A 29 8.82 20.62 -4.29
N ASN A 30 8.65 21.56 -3.37
CA ASN A 30 9.78 22.33 -2.86
C ASN A 30 10.74 21.45 -2.07
N GLU A 31 10.22 20.71 -1.09
CA GLU A 31 11.07 19.86 -0.27
C GLU A 31 11.77 18.79 -1.11
N VAL A 32 11.07 18.20 -2.08
CA VAL A 32 11.70 17.21 -2.94
C VAL A 32 12.80 17.87 -3.78
N PHE A 33 12.51 19.04 -4.34
CA PHE A 33 13.51 19.73 -5.16
C PHE A 33 14.72 20.15 -4.34
N ASN A 34 14.50 20.57 -3.09
CA ASN A 34 15.62 20.85 -2.20
C ASN A 34 16.52 19.63 -2.08
N ASP A 35 15.92 18.46 -1.84
CA ASP A 35 16.69 17.23 -1.70
C ASP A 35 17.43 16.88 -2.98
N VAL A 36 16.76 16.98 -4.13
CA VAL A 36 17.39 16.65 -5.40
C VAL A 36 18.57 17.59 -5.67
N ARG A 37 18.41 18.87 -5.34
CA ARG A 37 19.47 19.84 -5.60
C ARG A 37 20.69 19.59 -4.72
N LEU A 38 20.46 19.36 -3.41
CA LEU A 38 21.56 19.13 -2.49
C LEU A 38 22.30 17.84 -2.80
N LEU A 39 21.61 16.84 -3.34
CA LEU A 39 22.24 15.55 -3.61
C LEU A 39 23.05 15.57 -4.89
N LEU A 40 22.58 16.26 -5.93
CA LEU A 40 23.33 16.34 -7.18
C LEU A 40 24.51 17.29 -7.06
N ASN A 41 24.35 18.38 -6.28
CA ASN A 41 25.45 19.28 -5.92
C ASN A 41 26.09 19.94 -7.14
N ASN A 42 25.28 20.29 -8.14
CA ASN A 42 25.74 21.11 -9.25
C ASN A 42 24.50 21.60 -10.02
N ASP A 43 24.12 22.85 -9.78
CA ASP A 43 22.94 23.39 -10.44
C ASP A 43 23.13 23.60 -11.93
N ASN A 44 24.32 23.32 -12.48
CA ASN A 44 24.55 23.49 -13.90
C ASN A 44 23.88 22.39 -14.71
N LEU A 45 24.28 21.14 -14.46
CA LEU A 45 23.68 20.01 -15.18
C LEU A 45 22.20 19.86 -14.83
N LEU A 46 21.83 20.16 -13.59
CA LEU A 46 20.43 20.11 -13.19
C LEU A 46 19.58 21.01 -14.08
N ARG A 47 20.04 22.25 -14.31
CA ARG A 47 19.27 23.20 -15.10
C ARG A 47 19.06 22.71 -16.53
N GLU A 48 20.14 22.37 -17.22
CA GLU A 48 20.04 21.92 -18.60
C GLU A 48 19.57 20.47 -18.72
N GLY A 49 19.30 19.81 -17.60
CA GLY A 49 18.85 18.43 -17.64
C GLY A 49 17.44 18.24 -17.09
N ALA A 50 17.13 18.95 -16.01
CA ALA A 50 15.84 18.80 -15.33
C ALA A 50 14.90 19.98 -15.59
N ALA A 51 15.11 20.72 -16.67
CA ALA A 51 14.16 21.77 -17.04
C ALA A 51 12.83 21.17 -17.47
N HIS A 52 12.87 20.11 -18.29
CA HIS A 52 11.65 19.47 -18.74
C HIS A 52 10.89 18.83 -17.58
N ALA A 53 11.59 18.39 -16.54
CA ALA A 53 10.93 17.75 -15.42
C ALA A 53 10.04 18.73 -14.66
N PHE A 54 10.41 20.00 -14.64
CA PHE A 54 9.56 20.99 -13.98
C PHE A 54 8.27 21.21 -14.75
N ALA A 55 8.38 21.42 -16.07
CA ALA A 55 7.19 21.61 -16.89
C ALA A 55 6.30 20.36 -16.88
N GLN A 56 6.91 19.18 -17.02
CA GLN A 56 6.15 17.94 -16.98
C GLN A 56 5.40 17.79 -15.66
N TYR A 57 6.05 18.13 -14.54
CA TYR A 57 5.39 18.01 -13.24
C TYR A 57 4.19 18.92 -13.13
N ASN A 58 4.30 20.17 -13.61
CA ASN A 58 3.21 21.12 -13.46
C ASN A 58 2.02 20.75 -14.33
N MET A 59 2.27 20.34 -15.58
CA MET A 59 1.16 20.01 -16.47
C MET A 59 0.52 18.68 -16.07
N ASP A 60 1.30 17.76 -15.51
CA ASP A 60 0.76 16.52 -14.99
C ASP A 60 -0.06 16.75 -13.73
N GLN A 61 0.27 17.77 -12.95
CA GLN A 61 -0.39 18.00 -11.68
C GLN A 61 -1.58 18.95 -11.79
N PHE A 62 -1.85 19.51 -12.97
CA PHE A 62 -2.88 20.53 -13.16
C PHE A 62 -2.67 21.69 -12.19
N THR A 63 -1.41 22.12 -12.07
CA THR A 63 -1.03 23.17 -11.13
C THR A 63 -1.88 24.42 -11.33
N PRO A 64 -2.53 24.93 -10.29
CA PRO A 64 -3.27 26.19 -10.42
C PRO A 64 -2.40 27.38 -10.12
N VAL A 65 -2.55 28.43 -10.92
CA VAL A 65 -1.78 29.66 -10.77
C VAL A 65 -2.72 30.84 -10.79
N LYS A 66 -2.53 31.77 -9.85
CA LYS A 66 -3.26 33.03 -9.82
C LYS A 66 -2.55 34.03 -10.72
N ILE A 67 -3.31 34.66 -11.61
CA ILE A 67 -2.79 35.67 -12.52
C ILE A 67 -3.31 37.02 -12.04
N GLU A 68 -2.38 37.94 -11.75
CA GLU A 68 -2.77 39.24 -11.23
C GLU A 68 -3.71 39.95 -12.19
N GLY A 69 -4.81 40.48 -11.66
CA GLY A 69 -5.83 41.12 -12.45
C GLY A 69 -7.01 40.25 -12.81
N TYR A 70 -6.94 38.94 -12.55
CA TYR A 70 -8.01 38.01 -12.89
C TYR A 70 -8.36 37.18 -11.67
N ASP A 71 -9.66 37.04 -11.39
CA ASP A 71 -10.11 36.39 -10.17
C ASP A 71 -9.96 34.87 -10.23
N ASP A 72 -10.38 34.26 -11.33
CA ASP A 72 -10.39 32.81 -11.43
C ASP A 72 -8.99 32.30 -11.74
N GLN A 73 -8.45 31.46 -10.86
CA GLN A 73 -7.17 30.82 -11.16
C GLN A 73 -7.32 29.92 -12.38
N VAL A 74 -6.20 29.72 -13.08
CA VAL A 74 -6.16 28.90 -14.29
C VAL A 74 -5.22 27.74 -14.03
N LEU A 75 -5.49 26.61 -14.69
CA LEU A 75 -4.70 25.40 -14.49
C LEU A 75 -3.59 25.33 -15.54
N ILE A 76 -2.43 24.84 -15.12
CA ILE A 76 -1.33 24.57 -16.04
C ILE A 76 -1.53 23.14 -16.54
N THR A 77 -1.90 23.00 -17.81
CA THR A 77 -2.11 21.69 -18.43
C THR A 77 -1.35 21.62 -19.75
N GLU A 78 -1.23 20.40 -20.28
CA GLU A 78 -0.66 20.22 -21.60
C GLU A 78 -1.53 20.83 -22.68
N HIS A 79 -2.83 20.96 -22.42
CA HIS A 79 -3.75 21.50 -23.43
C HIS A 79 -3.62 23.01 -23.58
N GLY A 80 -3.18 23.69 -22.54
CA GLY A 80 -2.89 25.11 -22.58
C GLY A 80 -1.46 25.44 -22.95
N ASP A 81 -0.62 24.44 -23.19
CA ASP A 81 0.76 24.68 -23.59
C ASP A 81 0.78 25.22 -25.02
N LEU A 82 1.15 26.48 -25.18
CA LEU A 82 1.27 27.09 -26.49
C LEU A 82 2.67 26.97 -27.06
N GLY A 83 3.57 26.27 -26.37
CA GLY A 83 4.96 26.23 -26.76
C GLY A 83 5.70 27.49 -26.34
N ASN A 84 7.01 27.34 -26.19
CA ASN A 84 7.89 28.46 -25.86
C ASN A 84 7.47 29.11 -24.53
N GLY A 85 7.28 28.27 -23.52
CA GLY A 85 7.04 28.73 -22.17
C GLY A 85 5.74 29.45 -21.90
N ARG A 86 4.88 29.60 -22.91
CA ARG A 86 3.61 30.30 -22.71
C ARG A 86 2.47 29.31 -22.52
N PHE A 87 1.44 29.76 -21.80
CA PHE A 87 0.23 28.98 -21.58
C PHE A 87 -0.99 29.86 -21.82
N LEU A 88 -2.12 29.21 -22.06
CA LEU A 88 -3.36 29.88 -22.44
C LEU A 88 -4.38 29.83 -21.31
N ASP A 89 -4.99 30.98 -21.00
CA ASP A 89 -6.17 31.07 -20.13
C ASP A 89 -7.38 31.29 -21.02
N PRO A 90 -8.06 30.23 -21.47
CA PRO A 90 -9.17 30.41 -22.43
C PRO A 90 -10.37 31.10 -21.84
N ARG A 91 -10.54 31.11 -20.52
CA ARG A 91 -11.62 31.89 -19.91
C ARG A 91 -11.37 33.38 -20.08
N ASN A 92 -10.18 33.84 -19.73
CA ASN A 92 -9.82 35.26 -19.81
C ASN A 92 -9.23 35.64 -21.17
N LYS A 93 -9.13 34.71 -22.11
CA LYS A 93 -8.68 35.00 -23.47
C LYS A 93 -7.31 35.67 -23.48
N ILE A 94 -6.40 35.16 -22.65
CA ILE A 94 -5.05 35.68 -22.57
C ILE A 94 -4.05 34.54 -22.62
N SER A 95 -2.85 34.84 -23.12
CA SER A 95 -1.70 33.98 -22.96
C SER A 95 -0.76 34.61 -21.95
N PHE A 96 0.14 33.80 -21.41
CA PHE A 96 1.05 34.29 -20.40
C PHE A 96 2.26 33.37 -20.31
N LYS A 97 3.40 33.95 -19.97
CA LYS A 97 4.58 33.17 -19.64
C LYS A 97 4.43 32.61 -18.24
N PHE A 98 4.91 31.38 -18.04
CA PHE A 98 4.84 30.72 -16.74
C PHE A 98 6.21 30.20 -16.36
N ASP A 99 6.71 30.64 -15.20
CA ASP A 99 7.98 30.18 -14.67
C ASP A 99 7.71 28.88 -13.90
N HIS A 100 8.03 27.75 -14.54
CA HIS A 100 7.73 26.45 -13.94
C HIS A 100 8.41 26.28 -12.59
N LEU A 101 9.60 26.85 -12.42
CA LEU A 101 10.30 26.77 -11.15
C LEU A 101 9.63 27.63 -10.09
N ARG A 102 9.50 28.94 -10.36
CA ARG A 102 8.89 29.84 -9.39
C ARG A 102 7.39 29.62 -9.24
N LYS A 103 6.76 28.92 -10.18
CA LYS A 103 5.31 28.75 -10.22
C LYS A 103 4.61 30.10 -10.24
N GLU A 104 5.12 30.99 -11.09
CA GLU A 104 4.57 32.34 -11.24
C GLU A 104 4.21 32.61 -12.68
N ALA A 105 3.16 33.40 -12.87
CA ALA A 105 2.70 33.84 -14.19
C ALA A 105 3.10 35.30 -14.40
N SER A 106 3.29 35.65 -15.68
CA SER A 106 3.74 36.99 -16.03
C SER A 106 3.45 37.24 -17.50
N ASP A 107 3.60 38.50 -17.90
CA ASP A 107 3.41 38.97 -19.27
C ASP A 107 2.08 38.48 -19.86
N PRO A 108 0.94 38.91 -19.30
CA PRO A 108 -0.34 38.57 -19.92
C PRO A 108 -0.55 39.37 -21.20
N GLN A 109 -0.98 38.68 -22.26
CA GLN A 109 -1.22 39.27 -23.57
C GLN A 109 -2.53 38.75 -24.13
N PRO A 110 -3.33 39.61 -24.77
CA PRO A 110 -4.63 39.16 -25.29
C PRO A 110 -4.48 38.08 -26.35
N GLU A 111 -5.52 37.27 -26.49
CA GLU A 111 -5.53 36.20 -27.49
C GLU A 111 -6.88 36.14 -28.20
N SER A 115 -12.16 29.85 -32.22
CA SER A 115 -13.28 30.76 -32.42
C SER A 115 -14.52 30.01 -32.91
N ALA A 116 -14.31 29.00 -33.74
CA ALA A 116 -15.42 28.14 -34.14
C ALA A 116 -15.95 27.31 -32.99
N LEU A 117 -15.17 27.15 -31.93
CA LEU A 117 -15.57 26.45 -30.71
C LEU A 117 -15.79 27.41 -29.55
N LYS A 118 -15.83 28.72 -29.81
CA LYS A 118 -15.98 29.68 -28.73
C LYS A 118 -17.32 29.53 -28.01
N GLN A 119 -18.39 29.24 -28.75
CA GLN A 119 -19.71 29.14 -28.13
C GLN A 119 -19.78 27.93 -27.21
N TRP A 120 -19.37 26.76 -27.69
CA TRP A 120 -19.44 25.55 -26.88
C TRP A 120 -18.49 25.62 -25.70
N ARG A 121 -17.30 26.21 -25.89
CA ARG A 121 -16.35 26.32 -24.79
C ARG A 121 -16.90 27.20 -23.68
N ASP A 122 -17.43 28.38 -24.04
CA ASP A 122 -17.98 29.28 -23.02
C ASP A 122 -19.15 28.64 -22.29
N ALA A 123 -20.04 27.98 -23.03
CA ALA A 123 -21.18 27.32 -22.40
C ALA A 123 -20.72 26.26 -21.41
N CYS A 124 -19.80 25.38 -21.84
CA CYS A 124 -19.29 24.35 -20.93
C CYS A 124 -18.52 24.99 -19.77
N ASP A 125 -17.68 25.97 -20.08
CA ASP A 125 -16.93 26.66 -19.03
C ASP A 125 -17.86 27.23 -17.97
N SER A 126 -18.95 27.87 -18.40
CA SER A 126 -19.88 28.46 -17.45
C SER A 126 -20.54 27.39 -16.59
N ALA A 127 -20.90 26.26 -17.19
CA ALA A 127 -21.56 25.20 -16.43
C ALA A 127 -20.58 24.48 -15.51
N LEU A 128 -19.36 24.24 -15.98
CA LEU A 128 -18.38 23.56 -15.14
C LEU A 128 -17.98 24.44 -13.96
N ARG A 129 -17.88 25.75 -14.17
CA ARG A 129 -17.46 26.63 -13.08
C ARG A 129 -18.50 26.66 -11.97
N ALA A 130 -19.80 26.56 -12.31
CA ALA A 130 -20.82 26.50 -11.28
C ALA A 130 -20.79 25.16 -10.56
N TYR A 131 -20.54 24.07 -11.29
CA TYR A 131 -20.40 22.76 -10.66
C TYR A 131 -19.22 22.71 -9.69
N VAL A 132 -18.02 23.07 -10.17
CA VAL A 132 -16.82 23.01 -9.34
C VAL A 132 -16.96 23.89 -8.11
N LYS A 133 -17.62 25.03 -8.24
CA LYS A 133 -17.83 25.93 -7.11
C LYS A 133 -18.70 25.28 -6.04
N ASP A 134 -19.77 24.60 -6.46
CA ASP A 134 -20.71 24.03 -5.50
C ASP A 134 -20.30 22.65 -4.99
N HIS A 135 -19.38 21.97 -5.66
CA HIS A 135 -19.08 20.58 -5.34
C HIS A 135 -17.64 20.32 -4.95
N TYR A 136 -16.75 21.31 -5.08
CA TYR A 136 -15.38 21.22 -4.58
C TYR A 136 -15.11 22.37 -3.63
N PRO A 137 -14.38 22.13 -2.53
CA PRO A 137 -14.06 23.23 -1.60
C PRO A 137 -13.21 24.31 -2.24
N ASN A 138 -11.94 24.00 -2.52
CA ASN A 138 -11.05 24.98 -3.13
CA ASN A 138 -11.02 24.96 -3.12
C ASN A 138 -10.66 24.55 -4.53
N GLY A 139 -11.67 24.23 -5.34
CA GLY A 139 -11.44 23.72 -6.68
C GLY A 139 -11.27 24.80 -7.72
N PHE A 140 -10.48 24.49 -8.74
CA PHE A 140 -10.29 25.35 -9.89
C PHE A 140 -10.49 24.52 -11.14
N CYS A 141 -10.91 25.16 -12.22
CA CYS A 141 -11.19 24.43 -13.43
C CYS A 141 -10.91 25.29 -14.64
N THR A 142 -10.52 24.63 -15.73
CA THR A 142 -10.17 25.28 -16.99
C THR A 142 -10.71 24.45 -18.14
N VAL A 143 -11.36 25.11 -19.09
CA VAL A 143 -12.07 24.44 -20.18
C VAL A 143 -11.46 24.90 -21.50
N TYR A 144 -10.97 23.96 -22.29
CA TYR A 144 -10.40 24.27 -23.60
C TYR A 144 -11.35 23.86 -24.71
N GLY A 145 -11.26 24.55 -25.83
CA GLY A 145 -11.99 24.21 -27.03
C GLY A 145 -11.06 24.26 -28.22
N LYS A 146 -10.71 23.10 -28.77
CA LYS A 146 -9.75 23.02 -29.86
C LYS A 146 -10.14 21.91 -30.80
N SER A 147 -9.61 21.98 -32.02
CA SER A 147 -9.85 20.98 -33.05
C SER A 147 -8.69 19.99 -33.05
N ILE A 148 -8.96 18.78 -32.60
CA ILE A 148 -7.96 17.73 -32.50
C ILE A 148 -8.20 16.75 -33.63
N ASP A 149 -7.24 16.66 -34.55
CA ASP A 149 -7.34 15.79 -35.72
C ASP A 149 -8.66 16.01 -36.45
N GLY A 150 -8.94 17.28 -36.74
CA GLY A 150 -10.13 17.65 -37.49
C GLY A 150 -11.45 17.47 -36.77
N GLN A 151 -11.43 17.10 -35.49
CA GLN A 151 -12.65 16.90 -34.71
C GLN A 151 -12.69 17.90 -33.57
N GLN A 152 -13.78 18.66 -33.49
CA GLN A 152 -13.95 19.64 -32.43
C GLN A 152 -14.03 18.94 -31.08
N THR A 153 -13.26 19.44 -30.12
CA THR A 153 -13.09 18.76 -28.83
C THR A 153 -13.16 19.78 -27.71
N ILE A 154 -13.96 19.45 -26.69
CA ILE A 154 -14.01 20.20 -25.45
C ILE A 154 -13.25 19.42 -24.40
N ILE A 155 -12.35 20.08 -23.68
CA ILE A 155 -11.50 19.43 -22.69
C ILE A 155 -11.65 20.19 -21.38
N ALA A 156 -12.36 19.57 -20.43
CA ALA A 156 -12.62 20.19 -19.13
C ALA A 156 -11.68 19.60 -18.09
N CYS A 157 -10.97 20.47 -17.38
CA CYS A 157 -9.95 20.08 -16.42
C CYS A 157 -10.30 20.63 -15.04
N ILE A 158 -10.28 19.76 -14.03
CA ILE A 158 -10.62 20.14 -12.67
C ILE A 158 -9.45 19.81 -11.76
N GLU A 159 -9.18 20.70 -10.81
CA GLU A 159 -8.14 20.47 -9.82
C GLU A 159 -8.65 20.94 -8.46
N SER A 160 -8.27 20.19 -7.42
CA SER A 160 -8.64 20.50 -6.06
C SER A 160 -7.58 19.91 -5.15
N HIS A 161 -7.05 20.73 -4.24
CA HIS A 161 -5.99 20.25 -3.36
C HIS A 161 -6.12 20.88 -1.99
N GLN A 162 -5.62 20.16 -0.98
CA GLN A 162 -5.51 20.64 0.38
C GLN A 162 -4.10 20.35 0.85
N PHE A 163 -3.32 21.39 1.12
CA PHE A 163 -1.94 21.27 1.55
C PHE A 163 -1.87 21.67 3.02
N GLN A 164 -1.59 20.70 3.90
CA GLN A 164 -1.47 20.94 5.33
C GLN A 164 -0.18 20.32 5.85
N PRO A 165 0.98 20.89 5.51
CA PRO A 165 2.24 20.35 6.06
C PRO A 165 2.32 20.38 7.58
N LYS A 166 1.66 21.35 8.22
CA LYS A 166 1.69 21.40 9.69
C LYS A 166 0.99 20.20 10.32
N ASN A 167 0.13 19.51 9.57
CA ASN A 167 -0.47 18.25 10.02
C ASN A 167 0.11 17.05 9.28
N PHE A 168 1.17 17.26 8.49
CA PHE A 168 1.90 16.19 7.82
C PHE A 168 1.04 15.43 6.82
N TRP A 169 0.20 16.16 6.07
CA TRP A 169 -0.54 15.48 5.00
C TRP A 169 -0.88 16.46 3.89
N ASN A 170 -0.97 15.93 2.68
CA ASN A 170 -1.40 16.67 1.50
C ASN A 170 -2.22 15.76 0.60
N GLY A 171 -3.15 16.36 -0.13
CA GLY A 171 -3.97 15.61 -1.05
C GLY A 171 -4.28 16.46 -2.26
N ARG A 172 -4.65 15.80 -3.35
CA ARG A 172 -5.02 16.50 -4.57
C ARG A 172 -5.93 15.63 -5.42
N TRP A 173 -6.96 16.25 -5.98
CA TRP A 173 -7.84 15.64 -6.96
C TRP A 173 -7.58 16.27 -8.31
N ARG A 174 -7.47 15.44 -9.35
CA ARG A 174 -7.43 15.91 -10.73
C ARG A 174 -8.43 15.12 -11.54
N SER A 175 -9.19 15.81 -12.40
CA SER A 175 -10.00 15.13 -13.39
C SER A 175 -9.90 15.85 -14.72
N GLU A 176 -9.89 15.06 -15.79
CA GLU A 176 -9.77 15.55 -17.15
C GLU A 176 -10.83 14.86 -17.99
N TRP A 177 -11.73 15.65 -18.57
CA TRP A 177 -12.85 15.15 -19.36
C TRP A 177 -12.71 15.65 -20.80
N LYS A 178 -12.58 14.73 -21.75
CA LYS A 178 -12.42 15.07 -23.16
C LYS A 178 -13.67 14.66 -23.92
N PHE A 179 -14.39 15.67 -24.44
CA PHE A 179 -15.61 15.46 -25.22
C PHE A 179 -15.31 15.76 -26.68
N THR A 180 -15.34 14.71 -27.52
CA THR A 180 -15.12 14.84 -28.96
C THR A 180 -16.48 14.98 -29.65
N ILE A 181 -16.88 16.21 -29.93
CA ILE A 181 -18.22 16.52 -30.44
C ILE A 181 -18.30 16.15 -31.92
N THR A 182 -19.08 15.12 -32.24
CA THR A 182 -19.39 14.75 -33.62
C THR A 182 -20.90 14.63 -33.74
N PRO A 183 -21.60 15.74 -33.91
CA PRO A 183 -23.07 15.73 -33.79
C PRO A 183 -23.70 14.70 -34.71
N PRO A 184 -24.78 14.04 -34.27
CA PRO A 184 -25.46 14.34 -33.01
C PRO A 184 -24.93 13.57 -31.79
N THR A 185 -23.68 13.12 -31.82
CA THR A 185 -23.11 12.39 -30.70
C THR A 185 -21.79 13.04 -30.26
N ALA A 186 -21.23 12.50 -29.19
CA ALA A 186 -19.96 12.95 -28.64
C ALA A 186 -19.29 11.77 -27.95
N GLN A 187 -17.99 11.64 -28.16
CA GLN A 187 -17.21 10.57 -27.53
C GLN A 187 -16.57 11.14 -26.27
N VAL A 188 -16.67 10.37 -25.17
CA VAL A 188 -16.23 10.81 -23.86
C VAL A 188 -15.01 9.98 -23.47
N ALA A 189 -13.90 10.68 -23.18
CA ALA A 189 -12.69 10.05 -22.66
C ALA A 189 -12.29 10.82 -21.41
N ALA A 190 -12.22 10.12 -20.28
CA ALA A 190 -11.98 10.80 -19.02
C ALA A 190 -11.03 9.98 -18.17
N VAL A 191 -10.22 10.68 -17.40
CA VAL A 191 -9.39 10.07 -16.37
C VAL A 191 -9.58 10.88 -15.09
N LEU A 192 -9.79 10.18 -13.98
CA LEU A 192 -9.90 10.78 -12.66
C LEU A 192 -8.75 10.26 -11.81
N LYS A 193 -8.22 11.12 -10.93
CA LYS A 193 -7.03 10.78 -10.15
C LYS A 193 -7.10 11.39 -8.76
N ILE A 194 -6.67 10.63 -7.76
CA ILE A 194 -6.52 11.10 -6.40
C ILE A 194 -5.15 10.68 -5.89
N GLN A 195 -4.48 11.59 -5.18
CA GLN A 195 -3.19 11.27 -4.56
C GLN A 195 -3.16 11.91 -3.18
N VAL A 196 -2.89 11.11 -2.17
CA VAL A 196 -2.89 11.54 -0.77
C VAL A 196 -1.63 11.03 -0.10
N HIS A 197 -1.02 11.87 0.74
CA HIS A 197 0.21 11.53 1.45
C HIS A 197 0.08 11.98 2.89
N TYR A 198 0.15 11.04 3.83
CA TYR A 198 0.08 11.34 5.26
C TYR A 198 1.33 10.78 5.92
N TYR A 199 2.06 11.63 6.64
CA TYR A 199 3.40 11.26 7.10
C TYR A 199 3.68 11.80 8.50
N GLU A 200 2.72 11.65 9.41
CA GLU A 200 2.93 11.96 10.82
C GLU A 200 3.43 10.71 11.52
N ASP A 201 4.74 10.68 11.82
CA ASP A 201 5.40 9.54 12.46
C ASP A 201 5.27 8.26 11.63
N GLY A 202 5.28 8.41 10.31
CA GLY A 202 5.06 7.27 9.42
C GLY A 202 5.06 7.75 7.99
N ASN A 203 4.58 6.89 7.09
CA ASN A 203 4.56 7.26 5.67
C ASN A 203 3.54 6.40 4.94
N VAL A 204 2.45 7.03 4.49
CA VAL A 204 1.36 6.33 3.80
C VAL A 204 0.96 7.15 2.59
N GLN A 205 0.82 6.49 1.44
CA GLN A 205 0.36 7.14 0.22
C GLN A 205 -0.80 6.38 -0.39
N LEU A 206 -1.85 7.12 -0.76
CA LEU A 206 -2.89 6.63 -1.66
C LEU A 206 -2.64 7.20 -3.05
N VAL A 207 -2.57 6.31 -4.04
CA VAL A 207 -2.54 6.70 -5.44
C VAL A 207 -3.65 5.93 -6.15
N SER A 208 -4.56 6.66 -6.80
CA SER A 208 -5.69 6.04 -7.48
C SER A 208 -5.95 6.74 -8.80
N HIS A 209 -6.46 5.99 -9.77
CA HIS A 209 -6.88 6.55 -11.04
C HIS A 209 -8.00 5.70 -11.62
N LYS A 210 -8.82 6.33 -12.47
CA LYS A 210 -9.93 5.64 -13.13
C LYS A 210 -10.08 6.17 -14.55
N ASP A 211 -10.04 5.25 -15.52
CA ASP A 211 -10.28 5.61 -16.92
C ASP A 211 -11.75 5.42 -17.25
N ILE A 212 -12.29 6.34 -18.04
CA ILE A 212 -13.69 6.33 -18.46
C ILE A 212 -13.75 6.54 -19.96
N GLN A 213 -14.57 5.72 -20.64
CA GLN A 213 -14.81 5.84 -22.07
C GLN A 213 -16.28 5.57 -22.34
N ASP A 214 -16.92 6.46 -23.10
CA ASP A 214 -18.35 6.32 -23.35
C ASP A 214 -18.74 7.26 -24.49
N SER A 215 -20.03 7.24 -24.83
CA SER A 215 -20.62 8.10 -25.85
C SER A 215 -21.95 8.64 -25.33
N VAL A 216 -22.28 9.86 -25.72
CA VAL A 216 -23.55 10.50 -25.34
C VAL A 216 -24.10 11.27 -26.52
N GLN A 217 -25.32 11.76 -26.35
CA GLN A 217 -25.98 12.57 -27.36
C GLN A 217 -25.73 14.05 -27.10
N VAL A 218 -25.73 14.82 -28.18
CA VAL A 218 -25.54 16.26 -28.11
C VAL A 218 -26.64 16.95 -28.91
N SER A 219 -26.91 18.20 -28.54
CA SER A 219 -27.84 19.05 -29.26
C SER A 219 -27.28 20.46 -29.35
N SER A 220 -27.94 21.42 -28.70
CA SER A 220 -27.49 22.80 -28.69
C SER A 220 -26.37 23.00 -27.68
N ASP A 221 -25.69 24.15 -27.79
CA ASP A 221 -24.50 24.39 -26.97
C ASP A 221 -24.84 24.49 -25.49
N VAL A 222 -25.97 25.11 -25.15
CA VAL A 222 -26.33 25.31 -23.74
C VAL A 222 -26.91 24.02 -23.16
N GLN A 223 -27.83 23.36 -23.89
CA GLN A 223 -28.44 22.14 -23.36
C GLN A 223 -27.41 21.03 -23.20
N THR A 224 -26.46 20.94 -24.13
CA THR A 224 -25.47 19.86 -24.06
C THR A 224 -24.49 20.10 -22.91
N ALA A 225 -24.11 21.36 -22.68
CA ALA A 225 -23.19 21.66 -21.58
C ALA A 225 -23.82 21.32 -20.24
N LYS A 226 -25.13 21.53 -20.10
CA LYS A 226 -25.80 21.11 -18.88
C LYS A 226 -25.75 19.61 -18.72
N GLU A 227 -25.91 18.87 -19.82
CA GLU A 227 -25.85 17.41 -19.74
C GLU A 227 -24.41 16.91 -19.55
N PHE A 228 -23.43 17.60 -20.13
CA PHE A 228 -22.04 17.24 -19.85
C PHE A 228 -21.74 17.32 -18.36
N ILE A 229 -22.17 18.40 -17.71
CA ILE A 229 -21.90 18.58 -16.29
C ILE A 229 -22.64 17.52 -15.47
N LYS A 230 -23.85 17.13 -15.88
CA LYS A 230 -24.56 16.08 -15.18
C LYS A 230 -23.83 14.74 -15.30
N ILE A 231 -23.30 14.44 -16.49
CA ILE A 231 -22.52 13.21 -16.67
C ILE A 231 -21.26 13.24 -15.80
N ILE A 232 -20.60 14.40 -15.72
CA ILE A 232 -19.38 14.53 -14.92
C ILE A 232 -19.69 14.38 -13.44
N GLU A 233 -20.73 15.07 -12.96
CA GLU A 233 -21.10 14.98 -11.55
C GLU A 233 -21.38 13.55 -11.13
N ASN A 234 -22.22 12.84 -11.89
CA ASN A 234 -22.58 11.47 -11.53
C ASN A 234 -21.36 10.55 -11.57
N ALA A 235 -20.53 10.70 -12.60
CA ALA A 235 -19.38 9.80 -12.75
C ALA A 235 -18.33 10.06 -11.67
N GLU A 236 -18.19 11.30 -11.22
CA GLU A 236 -17.24 11.59 -10.16
C GLU A 236 -17.80 11.23 -8.79
N ASN A 237 -19.10 11.43 -8.57
CA ASN A 237 -19.74 10.91 -7.36
C ASN A 237 -19.53 9.41 -7.24
N GLU A 238 -19.73 8.67 -8.34
CA GLU A 238 -19.58 7.22 -8.34
C GLU A 238 -18.15 6.81 -8.03
N TYR A 239 -17.18 7.56 -8.54
CA TYR A 239 -15.78 7.25 -8.28
C TYR A 239 -15.43 7.51 -6.81
N GLN A 240 -15.80 8.67 -6.29
CA GLN A 240 -15.47 9.00 -4.91
C GLN A 240 -16.17 8.07 -3.93
N THR A 241 -17.46 7.80 -4.15
CA THR A 241 -18.17 6.88 -3.27
C THR A 241 -17.55 5.48 -3.30
N ALA A 242 -17.21 5.00 -4.50
CA ALA A 242 -16.63 3.67 -4.61
C ALA A 242 -15.30 3.56 -3.88
N ILE A 243 -14.54 4.67 -3.81
CA ILE A 243 -13.25 4.66 -3.13
C ILE A 243 -13.43 4.52 -1.62
N SER A 244 -14.39 5.27 -1.03
CA SER A 244 -14.65 5.17 0.40
C SER A 244 -15.06 3.75 0.78
N GLU A 245 -16.03 3.20 0.04
CA GLU A 245 -16.48 1.83 0.30
C GLU A 245 -15.33 0.84 0.17
N ASN A 246 -14.40 1.09 -0.75
CA ASN A 246 -13.30 0.15 -0.97
C ASN A 246 -12.31 0.16 0.19
N TYR A 247 -12.20 1.26 0.94
CA TYR A 247 -11.40 1.26 2.15
C TYR A 247 -11.87 0.17 3.11
N GLN A 248 -13.18 0.11 3.34
CA GLN A 248 -13.74 -0.95 4.17
C GLN A 248 -13.35 -2.32 3.62
N THR A 249 -13.49 -2.51 2.31
CA THR A 249 -13.15 -3.79 1.69
C THR A 249 -11.65 -4.10 1.84
N MET A 250 -10.79 -3.10 1.64
CA MET A 250 -9.36 -3.35 1.80
C MET A 250 -9.00 -3.59 3.26
N SER A 251 -9.74 -2.99 4.19
CA SER A 251 -9.42 -3.15 5.60
C SER A 251 -9.98 -4.44 6.18
N ASP A 252 -11.13 -4.91 5.69
CA ASP A 252 -11.72 -6.13 6.20
C ASP A 252 -11.25 -7.38 5.48
N THR A 253 -10.64 -7.24 4.30
CA THR A 253 -10.44 -8.38 3.44
C THR A 253 -9.02 -8.45 2.88
N THR A 254 -8.65 -7.50 2.02
CA THR A 254 -7.33 -7.58 1.38
C THR A 254 -6.21 -7.52 2.40
N PHE A 255 -6.30 -6.61 3.38
CA PHE A 255 -5.35 -6.59 4.49
C PHE A 255 -5.34 -7.93 5.22
N LYS A 256 -6.52 -8.45 5.55
CA LYS A 256 -6.63 -9.71 6.29
C LYS A 256 -5.97 -10.85 5.53
N ALA A 257 -6.11 -10.87 4.21
CA ALA A 257 -5.49 -11.91 3.39
C ALA A 257 -3.96 -11.85 3.42
N LEU A 258 -3.38 -10.76 3.90
CA LEU A 258 -1.93 -10.72 4.13
C LEU A 258 -1.59 -11.11 5.57
N ARG A 259 -2.16 -10.40 6.54
CA ARG A 259 -2.00 -10.77 7.94
C ARG A 259 -3.32 -10.56 8.65
N ARG A 260 -3.76 -11.58 9.37
CA ARG A 260 -4.99 -11.45 10.13
C ARG A 260 -4.79 -10.48 11.29
N GLN A 261 -5.91 -10.01 11.84
CA GLN A 261 -5.85 -9.30 13.11
C GLN A 261 -5.78 -10.28 14.28
N LEU A 262 -6.37 -11.46 14.11
CA LEU A 262 -6.34 -12.53 15.11
C LEU A 262 -6.30 -13.85 14.36
N PRO A 263 -5.75 -14.90 14.97
CA PRO A 263 -5.78 -16.23 14.33
C PRO A 263 -7.20 -16.74 14.15
N VAL A 264 -7.31 -17.87 13.46
CA VAL A 264 -8.62 -18.47 13.19
C VAL A 264 -9.31 -18.88 14.48
N THR A 265 -8.55 -19.23 15.52
CA THR A 265 -9.12 -19.57 16.82
C THR A 265 -9.54 -18.34 17.62
N ARG A 266 -9.32 -17.14 17.09
CA ARG A 266 -9.70 -15.87 17.70
C ARG A 266 -9.19 -15.71 19.13
N THR A 267 -8.12 -16.43 19.50
CA THR A 267 -7.45 -16.25 20.77
C THR A 267 -5.97 -15.98 20.51
N LYS A 268 -5.38 -15.11 21.31
CA LYS A 268 -3.97 -14.81 21.12
C LYS A 268 -3.12 -16.06 21.38
N ILE A 269 -1.87 -16.00 20.93
CA ILE A 269 -1.02 -17.19 20.90
C ILE A 269 -0.64 -17.60 22.32
N ASP A 270 -0.64 -18.91 22.57
CA ASP A 270 -0.11 -19.49 23.80
C ASP A 270 1.33 -19.90 23.54
N TRP A 271 2.27 -19.07 23.95
CA TRP A 271 3.67 -19.30 23.61
C TRP A 271 4.26 -20.48 24.38
N ASN A 272 3.73 -20.77 25.57
CA ASN A 272 4.22 -21.92 26.33
C ASN A 272 3.91 -23.23 25.60
N LYS A 273 2.68 -23.39 25.10
CA LYS A 273 2.33 -24.60 24.37
C LYS A 273 3.25 -24.81 23.17
N ILE A 274 3.57 -23.73 22.45
CA ILE A 274 4.50 -23.82 21.34
C ILE A 274 5.86 -24.33 21.82
N LEU A 275 6.30 -23.85 22.99
CA LEU A 275 7.60 -24.21 23.52
C LEU A 275 7.50 -25.43 24.44
N SER B 2 27.56 15.78 2.09
CA SER B 2 27.65 14.42 2.59
C SER B 2 26.74 14.20 3.79
N ASP B 3 27.15 14.76 4.94
CA ASP B 3 26.34 14.60 6.15
C ASP B 3 24.99 15.28 6.00
N GLN B 4 24.97 16.45 5.35
CA GLN B 4 23.69 17.10 5.04
C GLN B 4 22.94 16.34 3.96
N GLN B 5 23.66 15.73 3.01
CA GLN B 5 23.00 14.94 1.98
C GLN B 5 22.27 13.74 2.57
N LEU B 6 22.76 13.22 3.70
CA LEU B 6 22.04 12.17 4.41
C LEU B 6 20.67 12.67 4.85
N ASP B 7 20.60 13.91 5.32
CA ASP B 7 19.30 14.47 5.73
C ASP B 7 18.36 14.57 4.54
N CYS B 8 18.89 14.90 3.36
CA CYS B 8 18.04 15.05 2.18
C CYS B 8 17.62 13.71 1.62
N ALA B 9 18.52 12.71 1.68
CA ALA B 9 18.18 11.39 1.17
C ALA B 9 17.10 10.73 2.03
N LEU B 10 17.18 10.90 3.35
CA LEU B 10 16.15 10.38 4.23
C LEU B 10 14.82 11.09 4.00
N ASP B 11 14.87 12.42 3.81
CA ASP B 11 13.66 13.16 3.54
C ASP B 11 13.02 12.71 2.23
N LEU B 12 13.84 12.56 1.18
CA LEU B 12 13.32 12.14 -0.11
C LEU B 12 12.67 10.75 -0.04
N MET B 13 13.17 9.87 0.84
CA MET B 13 12.57 8.55 0.96
C MET B 13 11.21 8.61 1.65
N ARG B 14 11.02 9.58 2.55
CA ARG B 14 9.72 9.77 3.19
C ARG B 14 8.67 10.31 2.23
N ARG B 15 9.09 10.87 1.10
CA ARG B 15 8.16 11.50 0.17
C ARG B 15 7.94 10.71 -1.10
N LEU B 16 8.93 9.96 -1.57
CA LEU B 16 8.72 9.12 -2.73
C LEU B 16 7.76 7.98 -2.37
N PRO B 17 7.04 7.44 -3.36
CA PRO B 17 6.06 6.39 -3.09
C PRO B 17 6.68 5.19 -2.40
N PRO B 18 6.08 4.71 -1.30
CA PRO B 18 6.70 3.62 -0.54
C PRO B 18 6.77 2.30 -1.27
N GLN B 19 5.99 2.11 -2.34
CA GLN B 19 6.00 0.86 -3.07
C GLN B 19 7.22 0.70 -3.97
N GLN B 20 8.09 1.70 -4.05
CA GLN B 20 9.29 1.63 -4.86
C GLN B 20 10.54 1.87 -4.02
N ILE B 21 10.53 1.40 -2.78
CA ILE B 21 11.68 1.58 -1.90
C ILE B 21 12.95 1.00 -2.53
N GLU B 22 12.85 -0.20 -3.11
CA GLU B 22 14.05 -0.85 -3.65
C GLU B 22 14.58 -0.09 -4.87
N LYS B 23 13.70 0.23 -5.82
CA LYS B 23 14.13 0.96 -7.01
C LYS B 23 14.63 2.35 -6.66
N ASN B 24 14.03 3.00 -5.67
CA ASN B 24 14.46 4.35 -5.30
C ASN B 24 15.81 4.34 -4.63
N LEU B 25 16.05 3.41 -3.70
CA LEU B 25 17.35 3.30 -3.06
C LEU B 25 18.43 2.96 -4.06
N SER B 26 18.11 2.12 -5.06
CA SER B 26 19.07 1.83 -6.12
C SER B 26 19.42 3.10 -6.90
N ASP B 27 18.40 3.85 -7.32
CA ASP B 27 18.65 5.08 -8.07
C ASP B 27 19.28 6.15 -7.18
N LEU B 28 18.95 6.17 -5.89
CA LEU B 28 19.53 7.17 -4.99
C LEU B 28 21.01 6.90 -4.74
N ILE B 29 21.37 5.63 -4.54
CA ILE B 29 22.78 5.28 -4.33
C ILE B 29 23.57 5.47 -5.62
N ASP B 30 22.96 5.14 -6.77
CA ASP B 30 23.60 5.43 -8.05
C ASP B 30 23.90 6.93 -8.20
N LEU B 31 23.06 7.78 -7.61
CA LEU B 31 23.26 9.22 -7.73
C LEU B 31 24.37 9.70 -6.80
N VAL B 32 24.33 9.28 -5.55
CA VAL B 32 25.38 9.62 -4.57
C VAL B 32 25.92 8.33 -3.98
N PRO B 33 26.98 7.75 -4.55
CA PRO B 33 27.52 6.48 -4.00
C PRO B 33 28.04 6.62 -2.58
N SER B 34 28.31 7.84 -2.10
CA SER B 34 28.84 8.01 -0.76
C SER B 34 27.87 7.53 0.32
N LEU B 35 26.58 7.47 0.01
CA LEU B 35 25.57 7.13 1.00
C LEU B 35 25.16 5.65 0.96
N CYS B 36 25.81 4.85 0.12
CA CYS B 36 25.43 3.44 -0.02
C CYS B 36 25.39 2.72 1.32
N GLU B 37 26.29 3.09 2.24
CA GLU B 37 26.35 2.45 3.54
C GLU B 37 25.37 3.07 4.53
N ASP B 38 25.18 4.40 4.46
CA ASP B 38 24.38 5.10 5.46
C ASP B 38 22.88 4.98 5.20
N LEU B 39 22.48 4.91 3.93
CA LEU B 39 21.07 4.71 3.60
C LEU B 39 20.57 3.38 4.15
N LEU B 40 21.20 2.28 3.72
CA LEU B 40 20.72 0.96 4.07
C LEU B 40 20.67 0.71 5.56
N SER B 41 21.43 1.50 6.35
CA SER B 41 21.44 1.36 7.79
C SER B 41 20.25 2.03 8.47
N SER B 42 19.51 2.88 7.76
CA SER B 42 18.42 3.65 8.33
C SER B 42 17.06 3.37 7.72
N VAL B 43 16.98 3.09 6.42
CA VAL B 43 15.72 2.78 5.75
C VAL B 43 15.68 1.28 5.48
N ASP B 44 14.61 0.63 5.93
CA ASP B 44 14.46 -0.81 5.73
C ASP B 44 13.92 -1.10 4.33
N GLN B 45 14.45 -2.17 3.72
CA GLN B 45 14.04 -2.58 2.39
C GLN B 45 13.13 -3.82 2.46
N PRO B 46 12.26 -4.02 1.48
CA PRO B 46 11.50 -5.29 1.44
C PRO B 46 12.46 -6.47 1.35
N LEU B 47 12.07 -7.57 1.98
CA LEU B 47 12.96 -8.70 2.15
C LEU B 47 13.01 -9.57 0.90
N LYS B 48 14.19 -10.14 0.65
CA LYS B 48 14.36 -11.11 -0.42
C LYS B 48 14.46 -12.51 0.17
N ILE B 49 14.08 -13.49 -0.64
CA ILE B 49 13.91 -14.88 -0.21
C ILE B 49 14.96 -15.74 -0.88
N ALA B 50 15.51 -16.68 -0.12
CA ALA B 50 16.43 -17.67 -0.66
C ALA B 50 16.01 -19.07 -0.20
N ARG B 51 16.46 -20.07 -0.94
CA ARG B 51 16.11 -21.46 -0.69
C ARG B 51 17.32 -22.17 -0.07
N ASP B 52 17.12 -22.74 1.12
CA ASP B 52 18.16 -23.55 1.74
C ASP B 52 18.42 -24.77 0.89
N LYS B 53 19.69 -24.99 0.53
CA LYS B 53 20.02 -26.06 -0.40
C LYS B 53 20.21 -27.41 0.29
N VAL B 54 20.31 -27.46 1.61
CA VAL B 54 20.44 -28.73 2.31
C VAL B 54 19.08 -29.35 2.56
N VAL B 55 18.12 -28.57 3.06
CA VAL B 55 16.81 -29.08 3.45
C VAL B 55 15.66 -28.46 2.66
N GLY B 56 15.96 -27.65 1.65
CA GLY B 56 14.93 -27.15 0.75
C GLY B 56 13.84 -26.28 1.34
N LYS B 57 14.18 -25.41 2.30
CA LYS B 57 13.21 -24.51 2.90
C LYS B 57 13.62 -23.07 2.67
N ASP B 58 12.63 -22.20 2.57
CA ASP B 58 12.88 -20.79 2.30
C ASP B 58 13.35 -20.07 3.56
N TYR B 59 14.16 -19.04 3.36
CA TYR B 59 14.58 -18.18 4.46
C TYR B 59 14.81 -16.79 3.90
N LEU B 60 14.84 -15.81 4.79
CA LEU B 60 14.87 -14.41 4.40
C LEU B 60 16.25 -13.81 4.61
N LEU B 61 16.61 -12.85 3.76
CA LEU B 61 17.94 -12.26 3.73
C LEU B 61 17.93 -10.87 4.32
N CYS B 62 18.88 -10.62 5.22
CA CYS B 62 19.15 -9.28 5.73
C CYS B 62 20.64 -9.16 5.99
N ASP B 63 21.05 -8.02 6.53
CA ASP B 63 22.46 -7.84 6.85
C ASP B 63 22.88 -8.65 8.07
N TYR B 64 21.95 -8.93 8.99
CA TYR B 64 22.34 -9.62 10.22
C TYR B 64 22.77 -11.06 9.97
N ASN B 65 22.28 -11.70 8.91
CA ASN B 65 22.74 -13.05 8.59
C ASN B 65 23.70 -13.07 7.40
N ARG B 66 24.27 -11.91 7.05
CA ARG B 66 25.21 -11.81 5.95
C ARG B 66 26.65 -11.87 6.46
N ASP B 67 27.54 -12.43 5.64
CA ASP B 67 28.97 -12.38 5.88
C ASP B 67 29.63 -12.33 4.51
N GLY B 68 30.26 -11.20 4.18
CA GLY B 68 30.73 -10.99 2.83
C GLY B 68 29.59 -10.99 1.84
N ASP B 69 29.64 -11.89 0.86
CA ASP B 69 28.59 -12.03 -0.14
C ASP B 69 27.72 -13.26 0.10
N SER B 70 27.79 -13.84 1.29
CA SER B 70 27.07 -15.04 1.62
C SER B 70 26.07 -14.78 2.74
N TYR B 71 25.04 -15.60 2.78
CA TYR B 71 23.99 -15.49 3.78
C TYR B 71 23.83 -16.82 4.49
N ARG B 72 23.60 -16.75 5.80
CA ARG B 72 23.47 -17.93 6.64
C ARG B 72 22.01 -18.34 6.74
N SER B 73 21.75 -19.63 6.52
CA SER B 73 20.39 -20.16 6.62
C SER B 73 20.06 -20.54 8.06
N PRO B 74 18.88 -20.17 8.55
CA PRO B 74 18.48 -20.60 9.90
C PRO B 74 18.18 -22.08 10.00
N TRP B 75 17.94 -22.75 8.87
CA TRP B 75 17.59 -24.16 8.91
C TRP B 75 18.83 -25.03 9.08
N SER B 76 19.77 -24.92 8.14
CA SER B 76 20.98 -25.74 8.15
C SER B 76 22.17 -25.04 8.78
N ASN B 77 22.06 -23.75 9.12
CA ASN B 77 23.17 -23.00 9.72
C ASN B 77 24.38 -22.97 8.78
N LYS B 78 24.14 -22.93 7.47
CA LYS B 78 25.19 -22.95 6.48
C LYS B 78 25.13 -21.68 5.63
N TYR B 79 26.29 -21.20 5.20
CA TYR B 79 26.32 -20.02 4.35
C TYR B 79 26.11 -20.43 2.89
N ASP B 80 25.56 -19.49 2.11
CA ASP B 80 25.30 -19.69 0.70
C ASP B 80 25.51 -18.36 -0.03
N PRO B 81 26.46 -18.26 -0.97
CA PRO B 81 27.49 -19.21 -1.42
C PRO B 81 28.38 -19.72 -0.29
N PRO B 82 28.99 -20.89 -0.47
CA PRO B 82 29.77 -21.50 0.62
C PRO B 82 30.85 -20.57 1.16
N LEU B 83 30.95 -20.54 2.48
CA LEU B 83 31.99 -19.82 3.20
C LEU B 83 32.68 -20.80 4.13
N GLU B 84 34.00 -20.92 4.00
CA GLU B 84 34.72 -21.90 4.82
C GLU B 84 34.66 -21.54 6.29
N ASP B 85 34.74 -20.25 6.62
CA ASP B 85 34.78 -19.80 8.01
C ASP B 85 33.86 -18.58 8.18
N GLY B 86 32.56 -18.80 7.97
CA GLY B 86 31.59 -17.74 8.12
C GLY B 86 31.10 -17.61 9.55
N ALA B 87 30.73 -16.38 9.92
CA ALA B 87 30.32 -16.09 11.29
C ALA B 87 29.12 -16.93 11.69
N MET B 88 29.27 -17.69 12.77
CA MET B 88 28.28 -18.58 13.35
C MET B 88 27.92 -18.12 14.76
N PRO B 89 26.70 -18.38 15.21
CA PRO B 89 26.40 -18.20 16.63
C PRO B 89 27.02 -19.31 17.45
N SER B 90 27.12 -19.06 18.76
CA SER B 90 27.56 -20.09 19.68
C SER B 90 26.62 -21.29 19.62
N ALA B 91 27.12 -22.44 20.07
CA ALA B 91 26.26 -23.61 20.20
C ALA B 91 25.06 -23.31 21.10
N ARG B 92 25.29 -22.58 22.19
CA ARG B 92 24.20 -22.26 23.11
C ARG B 92 23.17 -21.36 22.45
N LEU B 93 23.62 -20.34 21.71
CA LEU B 93 22.69 -19.43 21.07
C LEU B 93 22.03 -20.05 19.85
N ARG B 94 22.75 -20.87 19.09
CA ARG B 94 22.16 -21.55 17.95
C ARG B 94 20.97 -22.41 18.37
N LYS B 95 21.13 -23.15 19.48
CA LYS B 95 20.01 -23.88 20.05
C LYS B 95 18.81 -22.97 20.30
N LEU B 96 19.07 -21.80 20.89
CA LEU B 96 17.99 -20.83 21.08
C LEU B 96 17.45 -20.36 19.74
N GLU B 97 18.34 -20.15 18.76
CA GLU B 97 17.93 -19.66 17.46
C GLU B 97 16.98 -20.64 16.77
N VAL B 98 17.26 -21.94 16.87
CA VAL B 98 16.40 -22.95 16.26
C VAL B 98 15.03 -22.96 16.92
N GLU B 99 14.99 -22.81 18.25
CA GLU B 99 13.71 -22.77 18.95
C GLU B 99 12.93 -21.52 18.58
N ALA B 100 13.62 -20.39 18.41
CA ALA B 100 12.94 -19.15 18.04
C ALA B 100 12.41 -19.21 16.62
N ASN B 101 13.18 -19.81 15.69
CA ASN B 101 12.67 -19.99 14.34
C ASN B 101 11.42 -20.86 14.33
N ASN B 102 11.43 -21.96 15.10
CA ASN B 102 10.27 -22.83 15.13
C ASN B 102 9.07 -22.13 15.72
N ALA B 103 9.28 -21.37 16.80
CA ALA B 103 8.17 -20.67 17.45
C ALA B 103 7.56 -19.62 16.53
N PHE B 104 8.39 -18.80 15.91
CA PHE B 104 7.84 -17.78 15.02
C PHE B 104 7.30 -18.38 13.72
N ASP B 105 7.81 -19.54 13.31
CA ASP B 105 7.19 -20.25 12.21
C ASP B 105 5.73 -20.55 12.50
N GLN B 106 5.44 -21.00 13.72
CA GLN B 106 4.05 -21.27 14.10
C GLN B 106 3.27 -19.96 14.22
N TYR B 107 3.89 -18.94 14.81
CA TYR B 107 3.30 -17.60 14.84
C TYR B 107 2.91 -17.16 13.43
N ARG B 108 3.85 -17.27 12.48
CA ARG B 108 3.57 -16.87 11.10
C ARG B 108 2.39 -17.62 10.53
N ASP B 109 2.34 -18.94 10.76
CA ASP B 109 1.25 -19.76 10.25
C ASP B 109 -0.09 -19.34 10.85
N LEU B 110 -0.11 -18.94 12.12
CA LEU B 110 -1.37 -18.63 12.78
C LEU B 110 -1.91 -17.25 12.40
N TYR B 111 -1.04 -16.27 12.18
CA TYR B 111 -1.47 -14.93 11.82
C TYR B 111 -1.44 -14.66 10.32
N PHE B 112 -0.53 -15.31 9.57
CA PHE B 112 -0.39 -15.02 8.15
C PHE B 112 -0.93 -16.12 7.24
N GLU B 113 -1.03 -17.36 7.72
CA GLU B 113 -1.53 -18.46 6.90
C GLU B 113 -0.72 -18.64 5.62
N GLY B 114 0.56 -18.33 5.68
CA GLY B 114 1.42 -18.40 4.53
C GLY B 114 2.65 -17.55 4.74
N GLY B 115 3.34 -17.28 3.63
CA GLY B 115 4.53 -16.46 3.68
C GLY B 115 5.74 -17.23 4.22
N VAL B 116 6.77 -16.45 4.56
CA VAL B 116 8.04 -16.98 5.06
C VAL B 116 8.44 -16.18 6.30
N SER B 117 9.03 -16.85 7.28
CA SER B 117 9.56 -16.23 8.48
C SER B 117 10.97 -16.74 8.77
N SER B 118 11.79 -15.87 9.36
CA SER B 118 13.15 -16.25 9.71
C SER B 118 13.63 -15.45 10.91
N VAL B 119 14.45 -16.09 11.75
CA VAL B 119 14.99 -15.50 12.97
C VAL B 119 16.49 -15.75 13.01
N TYR B 120 17.27 -14.70 13.28
CA TYR B 120 18.72 -14.81 13.42
C TYR B 120 19.12 -14.16 14.73
N LEU B 121 19.93 -14.86 15.52
CA LEU B 121 20.42 -14.36 16.79
C LEU B 121 21.93 -14.12 16.72
N TRP B 122 22.40 -13.17 17.53
CA TRP B 122 23.82 -12.98 17.74
C TRP B 122 24.06 -12.58 19.19
N ASP B 123 25.32 -12.68 19.62
CA ASP B 123 25.66 -12.43 21.01
C ASP B 123 26.13 -10.99 21.19
N LEU B 124 25.79 -10.42 22.34
CA LEU B 124 26.29 -9.12 22.78
C LEU B 124 27.08 -9.30 24.05
N ASP B 125 27.72 -8.21 24.51
CA ASP B 125 28.58 -8.31 25.68
C ASP B 125 27.79 -8.62 26.94
N HIS B 126 26.58 -8.05 27.06
CA HIS B 126 25.78 -8.26 28.25
C HIS B 126 24.40 -8.78 27.86
N GLY B 127 24.38 -9.79 26.99
CA GLY B 127 23.14 -10.36 26.50
C GLY B 127 23.24 -10.77 25.04
N PHE B 128 22.10 -10.78 24.35
CA PHE B 128 22.07 -11.16 22.94
C PHE B 128 21.02 -10.31 22.24
N ALA B 129 21.06 -10.35 20.91
CA ALA B 129 20.12 -9.63 20.06
C ALA B 129 19.62 -10.57 18.97
N GLY B 130 18.54 -10.17 18.32
CA GLY B 130 17.97 -11.00 17.28
C GLY B 130 17.09 -10.21 16.35
N VAL B 131 16.91 -10.76 15.14
CA VAL B 131 16.01 -10.19 14.16
C VAL B 131 14.94 -11.23 13.82
N ILE B 132 13.69 -10.77 13.71
CA ILE B 132 12.58 -11.59 13.25
C ILE B 132 12.07 -10.97 11.95
N LEU B 133 12.06 -11.77 10.87
CA LEU B 133 11.70 -11.32 9.54
C LEU B 133 10.48 -12.09 9.06
N ILE B 134 9.48 -11.39 8.54
CA ILE B 134 8.27 -12.02 8.01
C ILE B 134 7.93 -11.38 6.67
N LYS B 135 7.75 -12.23 5.64
CA LYS B 135 7.34 -11.76 4.32
C LYS B 135 6.14 -12.56 3.86
N LYS B 136 5.11 -11.87 3.40
CA LYS B 136 3.88 -12.48 2.92
C LYS B 136 3.43 -11.71 1.69
N ALA B 137 3.47 -12.35 0.54
CA ALA B 137 3.05 -11.74 -0.71
C ALA B 137 1.61 -12.12 -1.03
N GLY B 138 0.89 -11.21 -1.64
CA GLY B 138 -0.46 -11.47 -2.10
C GLY B 138 -0.49 -11.62 -3.61
N ASP B 139 -0.38 -12.85 -4.09
CA ASP B 139 -0.28 -13.16 -5.50
C ASP B 139 -1.38 -14.13 -5.90
N GLY B 140 -1.79 -14.05 -7.16
CA GLY B 140 -2.82 -14.94 -7.65
C GLY B 140 -4.10 -14.24 -8.07
N SER B 141 -4.01 -12.96 -8.42
CA SER B 141 -5.16 -12.24 -8.94
C SER B 141 -4.68 -11.07 -9.79
N LYS B 142 -5.26 -10.94 -10.99
CA LYS B 142 -4.94 -9.79 -11.82
C LYS B 142 -5.42 -8.50 -11.17
N LYS B 143 -6.50 -8.55 -10.39
CA LYS B 143 -7.17 -7.36 -9.90
C LYS B 143 -6.81 -6.97 -8.47
N ILE B 144 -6.28 -7.90 -7.66
CA ILE B 144 -6.06 -7.64 -6.24
C ILE B 144 -4.67 -8.13 -5.85
N LYS B 145 -3.81 -7.21 -5.43
CA LYS B 145 -2.42 -7.49 -5.13
C LYS B 145 -2.02 -6.84 -3.82
N GLY B 146 -0.94 -7.32 -3.23
CA GLY B 146 -0.42 -6.74 -2.00
C GLY B 146 0.77 -7.51 -1.50
N CYS B 147 1.46 -6.91 -0.52
CA CYS B 147 2.59 -7.56 0.10
C CYS B 147 2.87 -6.96 1.46
N TRP B 148 3.20 -7.83 2.42
CA TRP B 148 3.59 -7.45 3.78
C TRP B 148 5.05 -7.84 4.00
N ASP B 149 5.86 -6.91 4.48
CA ASP B 149 7.19 -7.20 5.00
C ASP B 149 7.31 -6.58 6.38
N SER B 150 7.78 -7.36 7.36
CA SER B 150 8.03 -6.83 8.68
C SER B 150 9.38 -7.29 9.20
N ILE B 151 10.05 -6.40 9.95
CA ILE B 151 11.37 -6.63 10.50
C ILE B 151 11.35 -6.21 11.96
N HIS B 152 11.77 -7.11 12.85
CA HIS B 152 11.80 -6.87 14.29
C HIS B 152 13.23 -7.05 14.79
N VAL B 153 13.84 -5.98 15.28
CA VAL B 153 15.16 -6.05 15.92
C VAL B 153 14.94 -5.98 17.42
N VAL B 154 15.35 -7.02 18.13
CA VAL B 154 15.15 -7.10 19.56
C VAL B 154 16.51 -7.19 20.25
N GLU B 155 16.65 -6.48 21.36
CA GLU B 155 17.84 -6.53 22.20
C GLU B 155 17.44 -7.05 23.57
N VAL B 156 18.17 -8.04 24.07
CA VAL B 156 17.88 -8.67 25.36
C VAL B 156 19.04 -8.40 26.29
N GLN B 157 18.74 -7.86 27.47
CA GLN B 157 19.71 -7.64 28.54
C GLN B 157 19.20 -8.35 29.79
N GLU B 158 20.01 -9.26 30.33
CA GLU B 158 19.59 -10.06 31.48
C GLU B 158 20.03 -9.40 32.78
N LYS B 159 19.30 -9.69 33.85
CA LYS B 159 19.58 -9.12 35.17
C LYS B 159 18.90 -9.96 36.23
N SER B 160 19.08 -9.56 37.50
CA SER B 160 18.56 -10.29 38.66
C SER B 160 18.99 -11.76 38.64
N SER B 161 20.24 -12.02 38.26
CA SER B 161 20.79 -13.37 38.15
C SER B 161 19.98 -14.24 37.19
N GLY B 162 19.34 -13.61 36.21
CA GLY B 162 18.60 -14.34 35.20
C GLY B 162 17.13 -14.54 35.48
N ARG B 163 16.56 -13.82 36.43
CA ARG B 163 15.13 -13.92 36.71
C ARG B 163 14.31 -12.88 35.97
N THR B 164 14.91 -11.76 35.58
CA THR B 164 14.24 -10.73 34.80
C THR B 164 15.18 -10.25 33.72
N ALA B 165 14.58 -9.67 32.66
CA ALA B 165 15.37 -9.22 31.53
C ALA B 165 14.69 -8.02 30.90
N HIS B 166 15.50 -7.11 30.37
CA HIS B 166 15.00 -5.92 29.68
C HIS B 166 15.06 -6.16 28.18
N TYR B 167 13.93 -5.97 27.51
CA TYR B 167 13.80 -6.19 26.08
C TYR B 167 13.56 -4.87 25.38
N LYS B 168 14.41 -4.54 24.42
CA LYS B 168 14.26 -3.37 23.56
C LYS B 168 13.91 -3.84 22.15
N LEU B 169 12.78 -3.39 21.62
CA LEU B 169 12.24 -3.88 20.37
C LEU B 169 12.06 -2.74 19.37
N THR B 170 12.58 -2.92 18.16
CA THR B 170 12.43 -1.94 17.08
C THR B 170 11.82 -2.64 15.88
N SER B 171 10.59 -2.25 15.53
CA SER B 171 9.78 -2.96 14.54
C SER B 171 9.40 -2.05 13.38
N THR B 172 9.51 -2.58 12.17
CA THR B 172 9.10 -1.87 10.96
C THR B 172 8.19 -2.77 10.14
N VAL B 173 7.01 -2.26 9.78
CA VAL B 173 6.09 -2.96 8.89
C VAL B 173 6.02 -2.18 7.58
N MET B 174 6.20 -2.90 6.47
CA MET B 174 6.06 -2.35 5.13
C MET B 174 4.89 -3.07 4.46
N LEU B 175 3.89 -2.30 4.03
CA LEU B 175 2.65 -2.87 3.55
C LEU B 175 2.18 -2.10 2.33
N TRP B 176 1.74 -2.82 1.31
CA TRP B 176 1.05 -2.17 0.22
C TRP B 176 -0.09 -3.04 -0.28
N LEU B 177 -1.13 -2.38 -0.80
CA LEU B 177 -2.30 -3.06 -1.29
C LEU B 177 -2.70 -2.43 -2.62
N GLN B 178 -3.26 -3.23 -3.51
CA GLN B 178 -3.73 -2.70 -4.78
C GLN B 178 -4.97 -3.46 -5.23
N THR B 179 -6.02 -2.71 -5.53
CA THR B 179 -7.24 -3.25 -6.12
C THR B 179 -7.49 -2.56 -7.46
N ASN B 180 -7.92 -3.34 -8.44
CA ASN B 180 -8.33 -2.82 -9.75
C ASN B 180 -9.77 -3.29 -9.98
N LYS B 181 -10.73 -2.39 -9.72
CA LYS B 181 -12.15 -2.64 -9.80
C LYS B 181 -12.80 -1.63 -10.72
N THR B 182 -14.10 -1.83 -11.01
CA THR B 182 -14.74 -0.97 -12.00
C THR B 182 -15.23 0.34 -11.38
N GLY B 183 -15.81 0.28 -10.19
CA GLY B 183 -16.25 1.49 -9.52
C GLY B 183 -15.12 2.39 -9.08
N SER B 184 -14.17 1.86 -8.31
CA SER B 184 -13.09 2.68 -7.75
C SER B 184 -11.84 2.72 -8.63
N GLY B 185 -11.86 2.10 -9.81
CA GLY B 185 -10.69 2.11 -10.67
C GLY B 185 -9.54 1.32 -10.05
N THR B 186 -8.34 1.87 -10.20
CA THR B 186 -7.13 1.32 -9.58
C THR B 186 -6.85 2.09 -8.30
N MET B 187 -6.75 1.39 -7.17
CA MET B 187 -6.43 2.00 -5.90
C MET B 187 -5.14 1.39 -5.35
N ASN B 188 -4.18 2.24 -5.02
CA ASN B 188 -2.92 1.81 -4.43
C ASN B 188 -2.77 2.45 -3.06
N LEU B 189 -2.61 1.61 -2.03
CA LEU B 189 -2.30 2.04 -0.68
C LEU B 189 -0.93 1.49 -0.32
N GLY B 190 -0.01 2.37 0.06
CA GLY B 190 1.32 1.94 0.43
C GLY B 190 1.79 2.59 1.72
N GLY B 191 2.44 1.80 2.59
CA GLY B 191 2.84 2.32 3.87
C GLY B 191 4.11 1.71 4.41
N SER B 192 4.73 2.47 5.32
CA SER B 192 5.74 1.93 6.22
C SER B 192 5.56 2.60 7.58
N LEU B 193 5.68 1.81 8.63
CA LEU B 193 5.56 2.28 10.00
C LEU B 193 6.67 1.66 10.83
N THR B 194 7.35 2.47 11.63
CA THR B 194 8.37 2.00 12.56
C THR B 194 7.98 2.42 13.97
N ARG B 195 8.06 1.47 14.90
CA ARG B 195 7.74 1.73 16.30
C ARG B 195 8.71 0.98 17.21
N GLN B 196 8.80 1.43 18.45
CA GLN B 196 9.71 0.84 19.43
C GLN B 196 8.98 0.58 20.74
N MET B 197 9.57 -0.31 21.55
CA MET B 197 8.94 -0.75 22.80
C MET B 197 10.00 -1.36 23.71
N GLU B 198 10.13 -0.83 24.92
CA GLU B 198 10.98 -1.40 25.96
C GLU B 198 10.11 -2.03 27.05
N LYS B 199 10.64 -3.07 27.67
CA LYS B 199 9.81 -3.82 28.62
C LYS B 199 10.71 -4.71 29.47
N ASP B 200 10.39 -4.78 30.76
CA ASP B 200 10.97 -5.78 31.65
C ASP B 200 9.99 -6.94 31.78
N GLU B 201 10.50 -8.16 31.64
CA GLU B 201 9.69 -9.35 31.80
C GLU B 201 10.44 -10.36 32.66
N THR B 202 9.69 -11.14 33.42
CA THR B 202 10.31 -12.18 34.24
C THR B 202 10.68 -13.36 33.36
N VAL B 203 11.88 -13.89 33.58
CA VAL B 203 12.40 -15.04 32.85
C VAL B 203 12.38 -16.24 33.78
N SER B 204 11.61 -17.26 33.42
CA SER B 204 11.46 -18.44 34.24
C SER B 204 11.34 -19.66 33.33
N ASP B 205 11.22 -20.84 33.97
CA ASP B 205 10.97 -22.07 33.22
C ASP B 205 9.71 -21.95 32.38
N SER B 206 8.68 -21.28 32.89
CA SER B 206 7.42 -21.14 32.18
C SER B 206 7.36 -19.91 31.30
N SER B 207 8.15 -18.87 31.57
CA SER B 207 8.17 -17.65 30.77
C SER B 207 9.58 -17.39 30.24
N PRO B 208 10.07 -18.21 29.32
CA PRO B 208 11.45 -18.08 28.83
C PRO B 208 11.57 -16.93 27.84
N HIS B 209 12.83 -16.68 27.43
CA HIS B 209 13.12 -15.54 26.56
C HIS B 209 12.25 -15.53 25.30
N ILE B 210 12.05 -16.69 24.68
CA ILE B 210 11.34 -16.74 23.42
C ILE B 210 9.88 -16.40 23.61
N ALA B 211 9.26 -16.88 24.71
CA ALA B 211 7.89 -16.50 25.01
C ALA B 211 7.77 -15.00 25.25
N ASN B 212 8.75 -14.40 25.93
CA ASN B 212 8.71 -12.96 26.12
C ASN B 212 8.87 -12.23 24.79
N ILE B 213 9.86 -12.62 23.99
CA ILE B 213 10.04 -12.02 22.66
C ILE B 213 8.81 -12.26 21.80
N GLY B 214 8.23 -13.46 21.90
CA GLY B 214 7.06 -13.77 21.10
C GLY B 214 5.87 -12.88 21.44
N ARG B 215 5.55 -12.77 22.73
CA ARG B 215 4.47 -11.87 23.14
C ARG B 215 4.77 -10.42 22.78
N LEU B 216 6.05 -10.04 22.82
CA LEU B 216 6.42 -8.67 22.48
C LEU B 216 6.18 -8.39 20.99
N VAL B 217 6.63 -9.31 20.12
CA VAL B 217 6.45 -9.11 18.68
C VAL B 217 4.97 -9.21 18.31
N GLU B 218 4.24 -10.15 18.93
CA GLU B 218 2.82 -10.30 18.63
C GLU B 218 2.05 -9.03 18.96
N ASP B 219 2.28 -8.47 20.14
N ASP B 219 2.27 -8.47 20.15
CA ASP B 219 1.59 -7.24 20.53
CA ASP B 219 1.59 -7.24 20.53
C ASP B 219 1.93 -6.10 19.59
C ASP B 219 1.93 -6.10 19.58
N MET B 220 3.20 -6.00 19.19
CA MET B 220 3.62 -4.92 18.30
C MET B 220 2.99 -5.05 16.92
N GLU B 221 3.00 -6.26 16.34
CA GLU B 221 2.39 -6.41 15.02
C GLU B 221 0.88 -6.21 15.09
N ASN B 222 0.22 -6.69 16.15
CA ASN B 222 -1.19 -6.40 16.33
C ASN B 222 -1.45 -4.91 16.43
N LYS B 223 -0.63 -4.20 17.21
CA LYS B 223 -0.81 -2.76 17.37
C LYS B 223 -0.50 -2.01 16.08
N ILE B 224 0.54 -2.43 15.36
CA ILE B 224 0.89 -1.75 14.11
C ILE B 224 -0.17 -2.01 13.04
N ARG B 225 -0.77 -3.19 13.05
CA ARG B 225 -1.82 -3.47 12.07
C ARG B 225 -3.03 -2.57 12.29
N SER B 226 -3.44 -2.41 13.56
CA SER B 226 -4.57 -1.53 13.86
C SER B 226 -4.25 -0.08 13.52
N THR B 227 -3.02 0.35 13.80
CA THR B 227 -2.61 1.73 13.51
C THR B 227 -2.61 1.97 12.01
N LEU B 228 -2.00 1.08 11.23
CA LEU B 228 -2.00 1.23 9.78
C LEU B 228 -3.43 1.32 9.26
N ASN B 229 -4.34 0.56 9.85
CA ASN B 229 -5.69 0.46 9.35
C ASN B 229 -6.53 1.67 9.74
N GLU B 230 -6.59 1.97 11.03
CA GLU B 230 -7.58 2.89 11.56
C GLU B 230 -7.07 4.33 11.66
N ILE B 231 -5.78 4.51 11.93
CA ILE B 231 -5.24 5.86 12.06
C ILE B 231 -4.70 6.37 10.72
N TYR B 232 -3.99 5.53 9.98
CA TYR B 232 -3.28 5.99 8.78
C TYR B 232 -4.11 5.82 7.52
N PHE B 233 -4.60 4.61 7.24
CA PHE B 233 -5.44 4.43 6.06
C PHE B 233 -6.76 5.17 6.22
N GLY B 234 -7.36 5.13 7.42
CA GLY B 234 -8.58 5.87 7.66
C GLY B 234 -8.43 7.37 7.48
N LYS B 235 -7.24 7.90 7.78
CA LYS B 235 -6.96 9.32 7.59
C LYS B 235 -6.96 9.70 6.11
N THR B 236 -6.28 8.90 5.28
CA THR B 236 -6.29 9.16 3.84
C THR B 236 -7.70 9.14 3.27
N LYS B 237 -8.56 8.28 3.81
CA LYS B 237 -9.96 8.26 3.39
C LYS B 237 -10.64 9.57 3.70
N ASP B 238 -10.48 10.06 4.95
CA ASP B 238 -11.04 11.36 5.32
C ASP B 238 -10.48 12.47 4.46
N ILE B 239 -9.20 12.38 4.10
CA ILE B 239 -8.63 13.39 3.20
C ILE B 239 -9.31 13.33 1.84
N VAL B 240 -9.58 12.12 1.34
CA VAL B 240 -10.28 11.96 0.07
C VAL B 240 -11.65 12.61 0.13
N ASN B 241 -12.40 12.34 1.20
CA ASN B 241 -13.74 12.91 1.33
C ASN B 241 -13.72 14.39 1.66
N GLY B 242 -12.56 14.99 1.89
CA GLY B 242 -12.44 16.41 2.08
C GLY B 242 -11.91 17.12 0.85
N LEU B 243 -11.50 16.35 -0.17
CA LEU B 243 -11.08 16.95 -1.43
C LEU B 243 -12.25 17.29 -2.33
N ARG B 244 -13.42 16.69 -2.09
CA ARG B 244 -14.57 16.86 -2.97
C ARG B 244 -15.87 16.54 -2.24
N CYS C 7 -2.01 -23.41 -8.12
CA CYS C 7 -1.13 -23.19 -6.96
C CYS C 7 -1.97 -22.74 -5.76
N ASP C 8 -1.86 -23.47 -4.65
CA ASP C 8 -2.77 -23.29 -3.53
C ASP C 8 -2.62 -21.92 -2.88
N LYS C 9 -1.39 -21.41 -2.78
CA LYS C 9 -1.21 -20.06 -2.24
C LYS C 9 -2.00 -19.04 -3.04
N GLU C 10 -1.97 -19.15 -4.37
CA GLU C 10 -2.66 -18.19 -5.21
C GLU C 10 -4.17 -18.44 -5.22
N PHE C 11 -4.59 -19.71 -5.14
CA PHE C 11 -6.01 -20.01 -5.00
C PHE C 11 -6.58 -19.45 -3.71
N MET C 12 -5.85 -19.62 -2.60
CA MET C 12 -6.28 -19.07 -1.32
CA MET C 12 -6.29 -19.07 -1.33
C MET C 12 -6.46 -17.56 -1.41
N TRP C 13 -5.50 -16.87 -2.04
CA TRP C 13 -5.58 -15.42 -2.16
C TRP C 13 -6.80 -14.98 -2.96
N ALA C 14 -7.12 -15.70 -4.05
CA ALA C 14 -8.30 -15.37 -4.84
C ALA C 14 -9.59 -15.67 -4.10
N LEU C 15 -9.64 -16.79 -3.38
CA LEU C 15 -10.81 -17.11 -2.57
C LEU C 15 -11.05 -16.03 -1.52
N LYS C 16 -10.00 -15.66 -0.78
CA LYS C 16 -10.18 -14.68 0.29
C LYS C 16 -10.63 -13.34 -0.24
N ASN C 17 -10.21 -12.96 -1.44
CA ASN C 17 -10.50 -11.63 -1.98
C ASN C 17 -11.66 -11.64 -2.97
N GLY C 18 -12.38 -12.75 -3.11
CA GLY C 18 -13.59 -12.76 -3.90
C GLY C 18 -13.38 -12.69 -5.39
N ASP C 19 -12.23 -13.13 -5.89
CA ASP C 19 -12.01 -13.16 -7.34
C ASP C 19 -12.75 -14.36 -7.89
N LEU C 20 -14.03 -14.13 -8.25
CA LEU C 20 -14.88 -15.22 -8.71
C LEU C 20 -14.38 -15.83 -10.01
N ASP C 21 -13.75 -15.03 -10.87
CA ASP C 21 -13.21 -15.56 -12.12
C ASP C 21 -12.13 -16.61 -11.86
N GLU C 22 -11.22 -16.33 -10.93
CA GLU C 22 -10.18 -17.30 -10.64
C GLU C 22 -10.77 -18.61 -10.11
N VAL C 23 -11.82 -18.50 -9.29
CA VAL C 23 -12.47 -19.69 -8.77
C VAL C 23 -13.11 -20.49 -9.90
N LYS C 24 -13.71 -19.79 -10.87
CA LYS C 24 -14.29 -20.50 -12.01
C LYS C 24 -13.22 -21.24 -12.80
N ASP C 25 -12.08 -20.58 -13.05
CA ASP C 25 -10.97 -21.26 -13.74
C ASP C 25 -10.50 -22.47 -12.98
N TYR C 26 -10.51 -22.40 -11.64
CA TYR C 26 -10.12 -23.55 -10.84
C TYR C 26 -11.08 -24.72 -11.08
N VAL C 27 -12.39 -24.44 -11.08
CA VAL C 27 -13.36 -25.50 -11.37
C VAL C 27 -13.23 -25.95 -12.83
N ALA C 28 -13.14 -25.01 -13.76
CA ALA C 28 -13.04 -25.36 -15.18
C ALA C 28 -11.84 -26.26 -15.46
N LYS C 29 -10.73 -26.04 -14.78
CA LYS C 29 -9.56 -26.92 -14.93
C LYS C 29 -9.78 -28.31 -14.32
N GLY C 30 -10.99 -28.65 -13.88
CA GLY C 30 -11.24 -29.95 -13.30
C GLY C 30 -10.63 -30.16 -11.92
N GLU C 31 -10.51 -29.11 -11.13
CA GLU C 31 -9.97 -29.20 -9.78
C GLU C 31 -11.09 -29.44 -8.77
N ASP C 32 -10.70 -29.86 -7.56
CA ASP C 32 -11.64 -30.36 -6.56
C ASP C 32 -11.97 -29.25 -5.57
N VAL C 33 -13.24 -28.80 -5.58
CA VAL C 33 -13.68 -27.78 -4.63
C VAL C 33 -13.77 -28.31 -3.21
N ASN C 34 -13.56 -29.61 -3.00
CA ASN C 34 -13.59 -30.19 -1.66
C ASN C 34 -12.21 -30.59 -1.15
N ARG C 35 -11.16 -30.36 -1.92
CA ARG C 35 -9.81 -30.68 -1.44
C ARG C 35 -9.38 -29.67 -0.38
N THR C 36 -8.80 -30.17 0.70
CA THR C 36 -8.17 -29.31 1.68
C THR C 36 -6.91 -28.70 1.06
N LEU C 37 -6.84 -27.38 1.07
CA LEU C 37 -5.67 -26.70 0.51
C LEU C 37 -4.51 -26.78 1.48
N GLU C 38 -3.31 -26.44 0.99
CA GLU C 38 -2.11 -26.60 1.80
C GLU C 38 -2.12 -25.70 3.03
N GLY C 39 -2.97 -24.67 3.06
CA GLY C 39 -3.16 -23.89 4.28
C GLY C 39 -3.90 -24.63 5.37
N GLY C 40 -4.58 -25.73 5.04
CA GLY C 40 -5.26 -26.53 6.02
C GLY C 40 -6.76 -26.36 6.08
N ARG C 41 -7.33 -25.55 5.19
CA ARG C 41 -8.77 -25.34 5.15
C ARG C 41 -9.26 -25.64 3.73
N LYS C 42 -10.57 -25.73 3.60
CA LYS C 42 -11.19 -25.97 2.31
C LYS C 42 -11.60 -24.64 1.69
N PRO C 43 -11.92 -24.63 0.38
CA PRO C 43 -12.34 -23.36 -0.25
C PRO C 43 -13.53 -22.72 0.41
N LEU C 44 -14.51 -23.50 0.89
CA LEU C 44 -15.65 -22.91 1.57
C LEU C 44 -15.22 -22.14 2.81
N HIS C 45 -14.21 -22.66 3.52
CA HIS C 45 -13.72 -21.97 4.72
C HIS C 45 -13.10 -20.62 4.38
N TYR C 46 -12.23 -20.59 3.36
CA TYR C 46 -11.59 -19.33 3.00
C TYR C 46 -12.60 -18.29 2.53
N ALA C 47 -13.61 -18.71 1.75
CA ALA C 47 -14.65 -17.78 1.35
C ALA C 47 -15.46 -17.32 2.56
N ALA C 48 -15.89 -18.27 3.40
CA ALA C 48 -16.69 -17.91 4.56
C ALA C 48 -15.91 -17.08 5.56
N ASP C 49 -14.61 -17.37 5.72
CA ASP C 49 -13.80 -16.62 6.67
C ASP C 49 -13.75 -15.14 6.32
N CYS C 50 -13.79 -14.81 5.03
CA CYS C 50 -13.68 -13.43 4.56
C CYS C 50 -15.02 -12.88 4.07
N GLY C 51 -16.13 -13.52 4.43
CA GLY C 51 -17.44 -13.00 4.09
C GLY C 51 -17.72 -12.93 2.61
N GLN C 52 -17.09 -13.78 1.81
CA GLN C 52 -17.24 -13.75 0.36
C GLN C 52 -18.53 -14.49 -0.02
N LEU C 53 -19.65 -13.76 0.03
CA LEU C 53 -20.96 -14.35 -0.25
C LEU C 53 -21.00 -14.98 -1.63
N GLU C 54 -20.58 -14.24 -2.65
CA GLU C 54 -20.69 -14.73 -4.02
C GLU C 54 -19.84 -15.97 -4.24
N ILE C 55 -18.67 -16.04 -3.62
CA ILE C 55 -17.84 -17.23 -3.74
C ILE C 55 -18.50 -18.43 -3.06
N LEU C 56 -19.07 -18.22 -1.87
CA LEU C 56 -19.77 -19.30 -1.18
C LEU C 56 -20.87 -19.89 -2.05
N GLU C 57 -21.67 -19.04 -2.71
CA GLU C 57 -22.77 -19.53 -3.53
C GLU C 57 -22.25 -20.38 -4.67
N PHE C 58 -21.22 -19.90 -5.37
CA PHE C 58 -20.67 -20.64 -6.49
C PHE C 58 -20.11 -21.99 -6.03
N LEU C 59 -19.32 -21.99 -4.94
CA LEU C 59 -18.71 -23.23 -4.45
C LEU C 59 -19.76 -24.26 -4.07
N LEU C 60 -20.83 -23.82 -3.39
CA LEU C 60 -21.90 -24.76 -3.05
C LEU C 60 -22.55 -25.31 -4.32
N LEU C 61 -22.80 -24.44 -5.31
CA LEU C 61 -23.38 -24.87 -6.57
C LEU C 61 -22.47 -25.83 -7.35
N LYS C 62 -21.21 -25.93 -6.97
CA LYS C 62 -20.28 -26.84 -7.63
C LYS C 62 -19.93 -28.03 -6.76
N GLY C 63 -20.73 -28.32 -5.75
CA GLY C 63 -20.60 -29.55 -4.99
C GLY C 63 -19.77 -29.49 -3.73
N ALA C 64 -19.48 -28.31 -3.21
CA ALA C 64 -18.69 -28.21 -1.99
C ALA C 64 -19.47 -28.75 -0.80
N ASP C 65 -18.77 -29.41 0.13
CA ASP C 65 -19.38 -29.95 1.35
C ASP C 65 -19.55 -28.83 2.37
N ILE C 66 -20.80 -28.41 2.58
CA ILE C 66 -21.10 -27.29 3.48
C ILE C 66 -20.79 -27.57 4.94
N ASN C 67 -20.55 -28.83 5.32
CA ASN C 67 -20.28 -29.15 6.71
C ASN C 67 -18.86 -29.66 6.95
N ALA C 68 -18.00 -29.63 5.94
CA ALA C 68 -16.67 -30.19 6.09
C ALA C 68 -15.85 -29.38 7.09
N PRO C 69 -15.13 -30.02 8.00
CA PRO C 69 -14.27 -29.28 8.91
C PRO C 69 -12.87 -29.07 8.33
N ASP C 70 -12.20 -28.03 8.83
CA ASP C 70 -10.83 -27.74 8.44
C ASP C 70 -9.88 -28.36 9.47
N LYS C 71 -8.59 -28.04 9.34
CA LYS C 71 -7.60 -28.57 10.27
C LYS C 71 -7.81 -28.04 11.70
N HIS C 72 -8.59 -26.98 11.86
CA HIS C 72 -8.95 -26.46 13.17
C HIS C 72 -10.25 -27.05 13.69
N HIS C 73 -10.83 -28.01 12.97
CA HIS C 73 -12.14 -28.59 13.32
C HIS C 73 -13.21 -27.51 13.35
N ILE C 74 -13.15 -26.59 12.39
CA ILE C 74 -14.13 -25.53 12.22
C ILE C 74 -14.88 -25.80 10.92
N THR C 75 -16.20 -25.67 10.98
CA THR C 75 -17.04 -25.81 9.79
C THR C 75 -17.16 -24.47 9.10
N PRO C 76 -17.54 -24.47 7.82
CA PRO C 76 -17.82 -23.20 7.13
C PRO C 76 -18.74 -22.28 7.92
N LEU C 77 -19.84 -22.80 8.47
CA LEU C 77 -20.78 -21.95 9.20
C LEU C 77 -20.11 -21.33 10.43
N LEU C 78 -19.41 -22.16 11.21
CA LEU C 78 -18.67 -21.64 12.36
C LEU C 78 -17.67 -20.55 11.93
N SER C 79 -17.02 -20.75 10.79
CA SER C 79 -16.09 -19.73 10.29
C SER C 79 -16.82 -18.41 10.04
N ALA C 80 -18.00 -18.47 9.39
CA ALA C 80 -18.75 -17.25 9.12
C ALA C 80 -19.30 -16.63 10.40
N VAL C 81 -19.62 -17.45 11.39
CA VAL C 81 -20.09 -16.91 12.66
C VAL C 81 -18.94 -16.28 13.44
N TYR C 82 -17.83 -17.02 13.58
CA TYR C 82 -16.67 -16.50 14.29
C TYR C 82 -16.25 -15.13 13.77
N GLU C 83 -16.24 -14.96 12.46
CA GLU C 83 -15.79 -13.72 11.82
C GLU C 83 -16.92 -12.72 11.59
N GLY C 84 -18.14 -13.03 12.05
CA GLY C 84 -19.22 -12.05 12.03
C GLY C 84 -19.70 -11.62 10.65
N HIS C 85 -19.81 -12.56 9.72
CA HIS C 85 -20.29 -12.25 8.36
C HIS C 85 -21.76 -12.66 8.27
N VAL C 86 -22.64 -11.70 8.58
CA VAL C 86 -24.05 -12.00 8.77
C VAL C 86 -24.65 -12.61 7.52
N SER C 87 -24.49 -11.94 6.36
CA SER C 87 -25.10 -12.44 5.13
C SER C 87 -24.59 -13.84 4.79
N CYS C 88 -23.33 -14.15 5.10
CA CYS C 88 -22.83 -15.49 4.84
C CYS C 88 -23.42 -16.50 5.81
N VAL C 89 -23.59 -16.12 7.08
CA VAL C 89 -24.29 -16.98 8.04
C VAL C 89 -25.70 -17.28 7.54
N LYS C 90 -26.39 -16.26 7.03
CA LYS C 90 -27.75 -16.46 6.54
C LYS C 90 -27.77 -17.36 5.32
N LEU C 91 -26.80 -17.19 4.41
CA LEU C 91 -26.73 -18.03 3.22
C LEU C 91 -26.50 -19.49 3.59
N LEU C 92 -25.50 -19.75 4.44
CA LEU C 92 -25.16 -21.13 4.78
C LEU C 92 -26.31 -21.81 5.51
N LEU C 93 -26.98 -21.09 6.40
CA LEU C 93 -28.16 -21.66 7.07
C LEU C 93 -29.23 -22.00 6.05
N SER C 94 -29.53 -21.08 5.13
CA SER C 94 -30.56 -21.35 4.13
C SER C 94 -30.21 -22.53 3.23
N LYS C 95 -28.94 -22.90 3.14
CA LYS C 95 -28.51 -23.99 2.28
C LYS C 95 -28.34 -25.30 3.03
N GLY C 96 -28.67 -25.35 4.31
CA GLY C 96 -28.66 -26.58 5.07
C GLY C 96 -27.44 -26.84 5.92
N ALA C 97 -26.69 -25.81 6.29
CA ALA C 97 -25.52 -26.01 7.14
C ALA C 97 -25.95 -26.46 8.53
N ASP C 98 -25.39 -27.59 8.97
CA ASP C 98 -25.70 -28.16 10.28
C ASP C 98 -25.19 -27.20 11.36
N LYS C 99 -26.11 -26.45 11.98
CA LYS C 99 -25.75 -25.49 13.01
C LYS C 99 -25.51 -26.14 14.37
N THR C 100 -25.58 -27.46 14.47
CA THR C 100 -25.43 -28.12 15.76
C THR C 100 -24.02 -28.62 16.02
N VAL C 101 -23.12 -28.52 15.03
CA VAL C 101 -21.77 -29.01 15.19
C VAL C 101 -21.04 -28.16 16.23
N LYS C 102 -20.33 -28.83 17.13
CA LYS C 102 -19.54 -28.15 18.15
C LYS C 102 -18.17 -27.79 17.60
N GLY C 103 -17.74 -26.54 17.83
CA GLY C 103 -16.44 -26.11 17.42
C GLY C 103 -15.35 -26.64 18.33
N PRO C 104 -14.10 -26.28 18.04
CA PRO C 104 -12.97 -26.82 18.82
C PRO C 104 -12.99 -26.44 20.30
N ASP C 105 -13.87 -25.53 20.71
CA ASP C 105 -14.04 -25.22 22.13
C ASP C 105 -15.23 -25.96 22.74
N GLY C 106 -15.94 -26.78 21.96
CA GLY C 106 -17.10 -27.50 22.43
C GLY C 106 -18.42 -26.78 22.26
N LEU C 107 -18.39 -25.47 22.07
CA LEU C 107 -19.61 -24.69 21.89
C LEU C 107 -20.07 -24.75 20.44
N THR C 108 -21.39 -24.67 20.25
CA THR C 108 -21.96 -24.58 18.92
C THR C 108 -21.87 -23.13 18.43
N ALA C 109 -22.31 -22.90 17.19
CA ALA C 109 -22.28 -21.56 16.64
C ALA C 109 -23.09 -20.59 17.48
N PHE C 110 -24.31 -21.00 17.88
CA PHE C 110 -25.14 -20.15 18.72
C PHE C 110 -24.48 -19.87 20.07
N GLU C 111 -23.95 -20.92 20.71
CA GLU C 111 -23.33 -20.74 22.01
C GLU C 111 -22.09 -19.86 21.94
N ALA C 112 -21.33 -19.94 20.84
CA ALA C 112 -20.06 -19.24 20.76
C ALA C 112 -20.18 -17.79 20.29
N THR C 113 -21.23 -17.44 19.55
CA THR C 113 -21.27 -16.12 18.92
C THR C 113 -21.54 -15.03 19.95
N ASP C 114 -20.72 -13.99 19.91
CA ASP C 114 -20.97 -12.78 20.67
C ASP C 114 -21.80 -11.77 19.89
N ASN C 115 -22.13 -12.08 18.63
CA ASN C 115 -22.89 -11.19 17.76
C ASN C 115 -24.38 -11.46 17.93
N GLN C 116 -25.15 -10.40 18.16
CA GLN C 116 -26.58 -10.58 18.42
C GLN C 116 -27.35 -10.89 17.13
N ALA C 117 -27.09 -10.13 16.06
CA ALA C 117 -27.79 -10.38 14.81
C ALA C 117 -27.56 -11.80 14.32
N ILE C 118 -26.35 -12.33 14.51
CA ILE C 118 -26.08 -13.72 14.12
C ILE C 118 -26.76 -14.67 15.10
N LYS C 119 -26.67 -14.39 16.40
CA LYS C 119 -27.31 -15.23 17.40
C LYS C 119 -28.80 -15.41 17.11
N ALA C 120 -29.46 -14.35 16.64
CA ALA C 120 -30.88 -14.44 16.31
C ALA C 120 -31.12 -15.37 15.12
N LEU C 121 -30.19 -15.44 14.19
CA LEU C 121 -30.34 -16.32 13.04
C LEU C 121 -30.11 -17.79 13.39
N LEU C 122 -29.36 -18.08 14.46
CA LEU C 122 -29.03 -19.45 14.82
C LEU C 122 -30.02 -20.07 15.81
N GLN C 123 -30.96 -19.31 16.33
CA GLN C 123 -31.91 -19.81 17.31
C GLN C 123 -32.91 -20.78 16.69
N SER D 8 13.88 6.82 18.48
CA SER D 8 14.18 7.18 19.86
C SER D 8 15.50 6.54 20.31
N PHE D 9 15.43 5.35 20.92
CA PHE D 9 16.66 4.69 21.34
C PHE D 9 17.27 3.89 20.20
N ALA D 10 18.56 3.60 20.34
CA ALA D 10 19.31 2.95 19.28
C ALA D 10 19.07 1.45 19.26
N LYS D 11 19.17 0.87 18.06
CA LYS D 11 19.12 -0.56 17.82
C LYS D 11 20.42 -1.22 18.27
N PRO D 12 20.36 -2.48 18.70
CA PRO D 12 21.58 -3.16 19.13
C PRO D 12 22.61 -3.22 18.01
N LYS D 13 23.88 -3.22 18.40
CA LYS D 13 24.95 -3.36 17.41
C LYS D 13 24.83 -4.70 16.69
N GLY D 14 25.16 -4.70 15.40
CA GLY D 14 25.12 -5.91 14.61
C GLY D 14 26.18 -6.89 15.05
N PRO D 15 26.16 -8.10 14.46
CA PRO D 15 27.18 -9.09 14.81
C PRO D 15 28.58 -8.58 14.45
N ALA D 16 29.52 -8.82 15.36
CA ALA D 16 30.88 -8.36 15.13
C ALA D 16 31.66 -9.38 14.29
N GLY D 17 32.74 -8.90 13.68
CA GLY D 17 33.58 -9.75 12.87
C GLY D 17 32.93 -10.22 11.59
N LYS D 18 32.37 -9.28 10.83
CA LYS D 18 31.69 -9.60 9.58
C LYS D 18 32.34 -8.83 8.44
N ARG D 19 32.75 -9.54 7.41
CA ARG D 19 33.34 -8.90 6.24
C ARG D 19 32.25 -8.41 5.29
N GLY D 20 32.67 -7.56 4.35
CA GLY D 20 31.73 -7.04 3.37
C GLY D 20 31.01 -5.80 3.87
N ILE D 21 30.67 -4.94 2.92
CA ILE D 21 29.92 -3.74 3.20
C ILE D 21 28.44 -4.01 2.93
N ARG D 22 27.59 -3.07 3.32
CA ARG D 22 26.16 -3.24 3.12
C ARG D 22 25.80 -3.10 1.64
N ARG D 23 24.78 -3.85 1.23
CA ARG D 23 24.28 -3.82 -0.13
C ARG D 23 22.84 -4.33 -0.12
N LEU D 24 22.19 -4.27 -1.27
CA LEU D 24 20.81 -4.72 -1.39
C LEU D 24 20.70 -5.79 -2.48
N ILE D 25 19.56 -6.47 -2.46
CA ILE D 25 19.21 -7.51 -3.44
C ILE D 25 20.32 -8.56 -3.54
#